data_8T60
#
_entry.id   8T60
#
_cell.length_a   1.00
_cell.length_b   1.00
_cell.length_c   1.00
_cell.angle_alpha   90.00
_cell.angle_beta   90.00
_cell.angle_gamma   90.00
#
_symmetry.space_group_name_H-M   'P 1'
#
loop_
_entity.id
_entity.type
_entity.pdbx_description
1 polymer 'Melibiose permease'
2 polymer Nb725_4
3 polymer 'NabFab_H Chain'
4 polymer 'NabFab_L Chain'
5 non-polymer 'SODIUM ION'
#
loop_
_entity_poly.entity_id
_entity_poly.type
_entity_poly.pdbx_seq_one_letter_code
_entity_poly.pdbx_strand_id
1 'polypeptide(L)'
;SISMTTKLSYGFGAFGKDFAIGIVYMYLMYYYTDVVGLSVGLVGTLFLVARIWDAINDPIMGWIVNATRSRWGKFKPWIL
IGTLTNSLVLFLLFSAHLFEGTAQVVFVCVTYILWGMTYTIMDIPFWSLVPTITLDKREREQLVPFPRFFASLAGFVTAG
ITLPFVSYVGGADRGFGFQMFTLVLIAFFIASTIVTLRNVHEVYSSDNGVTAGRPHLTLKTIVGLIYKNDQLSCLLGMAL
AYNIASNIINGFAIYYFTYVIGDADLFPYYLSYAGAANLLTLIVFPRLVKMLSRRILWAGASVMPVLSCAGLFAMALADI
HNAALIVAAGIFLNIGTALFWVLQVIMVADTVDYGEFKLNIRCESIAYSVQTMVVKGGSAFAAFFIALVLGLIGYTPNVA
QSAQTLQGMQFIMIVLPVLFFMMTLVLYFRYYRLNGDMLRKIQIHLLDKYRKTPPFVEQPDSPAISVVATSDVKAHHHHH
HHHHH
;
A
2 'polypeptide(L)'
;MSQRQLVESGGGLVQPGGSLRLSCAVSGIIFRDNAMGWYRQAPGKEREWVATITDLGYTAYADSVKGRFTISRDNAKDTV
YLQMNSLEPEDTAVYYCHLPGTAAGDYWGKGTPVTVSSLEVLFQGPHHHHHHHH
;
B
3 'polypeptide(L)'
;EISEVQLVESGGGLVQPGGSLRLSCAASGFNFSYYSIHWVRQAPGKGLEWVAYISSSSSYTSYADSVKGRFTISADTSKN
TAYLQMNSLRAEDTAVYYCARGYQYWQYHASWYWNGGLDYWGQGTLVTVSSASTKGPSVFPLAPSSKSTSGGTAALGCLV
KDYFPEPVTVSWNSGALTSGVHTFPAVLQSSGLYSLSSVVTVPSSSLGTQTYICNVNHKPSNTKVDKKVEPKSCDKTHT
;
H
4 'polypeptide(L)'
;SDIQMTQSPSSLSASVGDRVTITCRASQSVSSAVAWYQQKPGKAPKLLIYSASSLYSGVPSRFSGSRSGTDFTLTISSLQ
PEDFATYYCQQSSSSLITFGQGTKVEIKRTVAAPSVFIFPPSDSQLKSGTASVVCLLNNFYPREAKVQWKVDNALQSGNS
QESVTEQDSKDSTYSLSSTLTLSKADYEKHKVYACEVTHQGLSSPVTKSFNRGEC
;
L
#
loop_
_chem_comp.id
_chem_comp.type
_chem_comp.name
_chem_comp.formula
NA non-polymer 'SODIUM ION' 'Na 1'
#
# COMPACT_ATOMS: atom_id res chain seq x y z
N SER A 1 8.87 4.77 -10.69
CA SER A 1 9.26 5.95 -11.47
C SER A 1 10.75 6.21 -11.35
N ILE A 2 11.28 7.05 -12.23
CA ILE A 2 12.69 7.42 -12.25
C ILE A 2 12.80 8.92 -12.04
N SER A 3 13.62 9.31 -11.07
CA SER A 3 13.81 10.73 -10.78
C SER A 3 14.79 11.35 -11.77
N MET A 4 14.89 12.68 -11.73
CA MET A 4 15.85 13.37 -12.57
C MET A 4 17.27 13.22 -12.04
N THR A 5 17.44 13.11 -10.72
CA THR A 5 18.77 12.98 -10.15
C THR A 5 19.47 11.71 -10.65
N THR A 6 18.74 10.58 -10.65
CA THR A 6 19.34 9.34 -11.11
C THR A 6 19.69 9.40 -12.60
N LYS A 7 18.80 9.98 -13.40
CA LYS A 7 19.09 10.11 -14.83
C LYS A 7 20.32 10.98 -15.07
N LEU A 8 20.43 12.09 -14.35
CA LEU A 8 21.60 12.95 -14.49
C LEU A 8 22.87 12.22 -14.09
N SER A 9 22.82 11.48 -12.98
CA SER A 9 24.01 10.76 -12.54
C SER A 9 24.42 9.71 -13.56
N TYR A 10 23.46 8.98 -14.11
CA TYR A 10 23.76 7.94 -15.08
C TYR A 10 24.14 8.49 -16.44
N GLY A 11 23.83 9.76 -16.71
CA GLY A 11 24.36 10.40 -17.90
C GLY A 11 25.78 10.88 -17.68
N PHE A 12 26.04 11.38 -16.48
CA PHE A 12 27.38 11.87 -16.16
C PHE A 12 28.40 10.75 -16.16
N GLY A 13 28.02 9.58 -15.65
CA GLY A 13 28.94 8.44 -15.69
C GLY A 13 29.34 8.06 -17.09
N ALA A 14 28.36 7.97 -18.00
CA ALA A 14 28.66 7.64 -19.39
C ALA A 14 29.51 8.72 -20.03
N PHE A 15 29.23 9.98 -19.70
CA PHE A 15 30.08 11.06 -20.19
C PHE A 15 31.52 10.83 -19.78
N GLY A 16 31.75 10.50 -18.51
CA GLY A 16 33.12 10.26 -18.07
C GLY A 16 33.78 9.12 -18.82
N LYS A 17 33.05 8.01 -18.99
CA LYS A 17 33.62 6.85 -19.65
C LYS A 17 34.03 7.18 -21.08
N ASP A 18 33.12 7.74 -21.87
CA ASP A 18 33.46 8.01 -23.26
C ASP A 18 34.50 9.11 -23.39
N PHE A 19 34.48 10.07 -22.46
CA PHE A 19 35.47 11.13 -22.47
C PHE A 19 36.86 10.57 -22.17
N ALA A 20 36.92 9.47 -21.42
CA ALA A 20 38.20 8.81 -21.20
C ALA A 20 38.65 8.01 -22.42
N ILE A 21 37.71 7.35 -23.11
CA ILE A 21 38.11 6.41 -24.16
C ILE A 21 38.30 7.04 -25.54
N GLY A 22 37.73 8.22 -25.80
CA GLY A 22 37.75 8.75 -27.15
C GLY A 22 39.15 9.02 -27.68
N ILE A 23 39.99 9.68 -26.87
CA ILE A 23 41.32 10.06 -27.33
C ILE A 23 42.12 8.83 -27.68
N VAL A 24 41.98 7.77 -26.89
CA VAL A 24 42.68 6.54 -27.21
C VAL A 24 42.14 5.93 -28.50
N TYR A 25 40.85 6.08 -28.75
CA TYR A 25 40.29 5.47 -29.96
C TYR A 25 40.47 6.33 -31.20
N MET A 26 41.02 7.53 -31.09
CA MET A 26 41.25 8.37 -32.26
C MET A 26 42.72 8.62 -32.57
N TYR A 27 43.52 8.99 -31.57
CA TYR A 27 44.86 9.51 -31.81
C TYR A 27 45.97 8.53 -31.45
N LEU A 28 45.67 7.26 -31.17
CA LEU A 28 46.69 6.35 -30.69
C LEU A 28 47.66 5.95 -31.79
N MET A 29 47.13 5.42 -32.90
CA MET A 29 48.00 5.00 -33.99
C MET A 29 48.81 6.17 -34.54
N TYR A 30 48.16 7.33 -34.68
CA TYR A 30 48.88 8.52 -35.11
C TYR A 30 49.96 8.89 -34.11
N TYR A 31 49.67 8.77 -32.81
CA TYR A 31 50.67 9.07 -31.80
C TYR A 31 51.90 8.19 -31.98
N TYR A 32 51.69 6.88 -32.11
CA TYR A 32 52.81 5.97 -32.27
C TYR A 32 53.58 6.28 -33.55
N THR A 33 52.87 6.49 -34.66
CA THR A 33 53.55 6.62 -35.94
C THR A 33 54.32 7.93 -36.04
N ASP A 34 53.71 9.04 -35.65
CA ASP A 34 54.28 10.36 -35.89
C ASP A 34 54.92 10.99 -34.67
N VAL A 35 54.94 10.33 -33.52
CA VAL A 35 55.54 10.91 -32.33
C VAL A 35 56.61 9.96 -31.80
N VAL A 36 56.21 8.74 -31.44
CA VAL A 36 57.16 7.78 -30.92
C VAL A 36 58.13 7.34 -32.01
N GLY A 37 57.60 7.00 -33.18
CA GLY A 37 58.40 6.51 -34.28
C GLY A 37 58.45 5.01 -34.44
N LEU A 38 57.37 4.30 -34.11
CA LEU A 38 57.34 2.86 -34.25
C LEU A 38 57.14 2.47 -35.71
N SER A 39 57.31 1.18 -35.98
CA SER A 39 57.08 0.64 -37.31
C SER A 39 55.58 0.59 -37.58
N VAL A 40 55.21 -0.07 -38.67
CA VAL A 40 53.81 -0.20 -39.07
C VAL A 40 53.29 -1.61 -38.81
N GLY A 41 54.03 -2.63 -39.23
CA GLY A 41 53.59 -4.00 -38.97
C GLY A 41 53.52 -4.32 -37.50
N LEU A 42 54.45 -3.79 -36.72
CA LEU A 42 54.42 -4.00 -35.27
C LEU A 42 53.15 -3.41 -34.67
N VAL A 43 52.79 -2.20 -35.08
CA VAL A 43 51.56 -1.58 -34.59
C VAL A 43 50.35 -2.41 -35.01
N GLY A 44 50.33 -2.87 -36.26
CA GLY A 44 49.19 -3.66 -36.71
C GLY A 44 49.01 -4.92 -35.89
N THR A 45 50.09 -5.68 -35.70
CA THR A 45 49.98 -6.92 -34.93
C THR A 45 49.60 -6.64 -33.49
N LEU A 46 50.21 -5.61 -32.89
CA LEU A 46 49.89 -5.28 -31.50
C LEU A 46 48.41 -4.97 -31.35
N PHE A 47 47.89 -4.09 -32.20
CA PHE A 47 46.49 -3.73 -32.10
C PHE A 47 45.59 -4.94 -32.31
N LEU A 48 45.90 -5.76 -33.33
CA LEU A 48 45.06 -6.91 -33.61
C LEU A 48 44.96 -7.82 -32.38
N VAL A 49 46.10 -8.20 -31.82
CA VAL A 49 46.09 -9.16 -30.71
C VAL A 49 45.47 -8.53 -29.47
N ALA A 50 45.88 -7.31 -29.12
CA ALA A 50 45.43 -6.68 -27.89
C ALA A 50 43.97 -6.25 -27.95
N ARG A 51 43.36 -6.25 -29.13
CA ARG A 51 41.92 -6.01 -29.22
C ARG A 51 41.12 -7.31 -29.32
N ILE A 52 41.64 -8.33 -29.99
CA ILE A 52 40.93 -9.61 -30.00
C ILE A 52 40.85 -10.18 -28.59
N TRP A 53 41.94 -10.09 -27.83
CA TRP A 53 41.91 -10.62 -26.46
C TRP A 53 40.87 -9.88 -25.62
N ASP A 54 40.81 -8.55 -25.73
CA ASP A 54 39.84 -7.79 -24.96
C ASP A 54 38.42 -8.09 -25.42
N ALA A 55 38.23 -8.38 -26.70
CA ALA A 55 36.91 -8.77 -27.17
C ALA A 55 36.48 -10.11 -26.57
N ILE A 56 37.41 -11.06 -26.46
CA ILE A 56 37.04 -12.39 -25.98
C ILE A 56 37.05 -12.54 -24.47
N ASN A 57 37.63 -11.59 -23.73
CA ASN A 57 37.71 -11.72 -22.28
C ASN A 57 36.52 -11.13 -21.54
N ASP A 58 35.50 -10.65 -22.25
CA ASP A 58 34.38 -10.01 -21.57
C ASP A 58 33.64 -10.93 -20.61
N PRO A 59 33.27 -12.16 -21.00
CA PRO A 59 32.42 -12.97 -20.11
C PRO A 59 33.01 -13.22 -18.74
N ILE A 60 34.33 -13.36 -18.64
CA ILE A 60 34.94 -13.73 -17.37
C ILE A 60 34.60 -12.72 -16.29
N MET A 61 34.71 -11.43 -16.61
CA MET A 61 34.39 -10.40 -15.63
C MET A 61 32.93 -10.47 -15.21
N GLY A 62 32.06 -10.96 -16.08
CA GLY A 62 30.69 -11.21 -15.67
C GLY A 62 30.62 -12.22 -14.52
N TRP A 63 31.36 -13.31 -14.63
CA TRP A 63 31.39 -14.30 -13.56
CA TRP A 63 31.39 -14.30 -13.56
C TRP A 63 31.98 -13.70 -12.29
N ILE A 64 33.04 -12.90 -12.43
CA ILE A 64 33.66 -12.29 -11.25
C ILE A 64 32.66 -11.39 -10.53
N VAL A 65 31.94 -10.56 -11.29
CA VAL A 65 30.98 -9.65 -10.67
C VAL A 65 29.82 -10.44 -10.05
N ASN A 66 29.42 -11.55 -10.67
CA ASN A 66 28.42 -12.41 -10.04
C ASN A 66 28.93 -12.96 -8.71
N ALA A 67 30.20 -13.35 -8.67
CA ALA A 67 30.73 -14.01 -7.49
C ALA A 67 30.94 -13.04 -6.34
N THR A 68 31.38 -11.81 -6.62
CA THR A 68 31.68 -10.88 -5.55
C THR A 68 30.44 -10.60 -4.71
N ARG A 69 30.60 -10.66 -3.39
CA ARG A 69 29.50 -10.39 -2.46
C ARG A 69 30.14 -9.89 -1.17
N SER A 70 29.97 -8.61 -0.86
CA SER A 70 30.63 -8.02 0.29
C SER A 70 29.77 -6.89 0.84
N ARG A 71 30.38 -6.07 1.69
CA ARG A 71 29.64 -5.03 2.40
C ARG A 71 29.05 -4.00 1.44
N TRP A 72 29.88 -3.46 0.55
CA TRP A 72 29.47 -2.35 -0.30
C TRP A 72 28.53 -2.77 -1.42
N GLY A 73 28.33 -4.07 -1.62
CA GLY A 73 27.50 -4.54 -2.71
C GLY A 73 28.27 -5.52 -3.58
N LYS A 74 28.02 -5.51 -4.89
CA LYS A 74 28.77 -6.33 -5.81
C LYS A 74 29.16 -5.60 -7.09
N PHE A 75 28.91 -4.29 -7.19
CA PHE A 75 29.27 -3.50 -8.36
C PHE A 75 30.08 -2.25 -8.00
N LYS A 76 29.71 -1.56 -6.92
CA LYS A 76 30.40 -0.33 -6.55
C LYS A 76 31.89 -0.53 -6.33
N PRO A 77 32.34 -1.55 -5.59
CA PRO A 77 33.79 -1.70 -5.40
C PRO A 77 34.53 -1.92 -6.71
N TRP A 78 33.98 -2.72 -7.62
CA TRP A 78 34.63 -2.94 -8.90
C TRP A 78 34.71 -1.65 -9.69
N ILE A 79 33.63 -0.87 -9.70
CA ILE A 79 33.67 0.40 -10.43
C ILE A 79 34.75 1.31 -9.85
N LEU A 80 34.81 1.41 -8.52
CA LEU A 80 35.77 2.31 -7.90
C LEU A 80 37.21 1.86 -8.19
N ILE A 81 37.47 0.56 -8.13
CA ILE A 81 38.81 0.05 -8.43
C ILE A 81 39.18 0.38 -9.86
N GLY A 82 38.26 0.07 -10.79
CA GLY A 82 38.55 0.27 -12.20
C GLY A 82 38.84 1.71 -12.54
N THR A 83 38.09 2.64 -11.95
CA THR A 83 38.31 4.05 -12.27
C THR A 83 39.77 4.43 -12.05
N LEU A 84 40.27 4.24 -10.83
CA LEU A 84 41.64 4.66 -10.52
C LEU A 84 42.66 3.87 -11.31
N THR A 85 42.48 2.54 -11.41
CA THR A 85 43.49 1.76 -12.11
C THR A 85 43.59 2.18 -13.57
N ASN A 86 42.45 2.34 -14.24
CA ASN A 86 42.45 2.75 -15.63
C ASN A 86 42.99 4.15 -15.81
N SER A 87 42.70 5.05 -14.86
CA SER A 87 43.23 6.41 -14.97
C SER A 87 44.75 6.41 -14.91
N LEU A 88 45.32 5.66 -13.97
CA LEU A 88 46.78 5.63 -13.88
C LEU A 88 47.40 4.98 -15.12
N VAL A 89 46.80 3.89 -15.61
CA VAL A 89 47.34 3.24 -16.80
C VAL A 89 47.26 4.19 -18.00
N LEU A 90 46.16 4.91 -18.14
CA LEU A 90 46.02 5.85 -19.25
C LEU A 90 47.06 6.96 -19.16
N PHE A 91 47.30 7.49 -17.96
CA PHE A 91 48.33 8.52 -17.82
C PHE A 91 49.68 7.97 -18.24
N LEU A 92 50.00 6.74 -17.84
CA LEU A 92 51.28 6.15 -18.24
C LEU A 92 51.33 5.85 -19.74
N LEU A 93 50.18 5.67 -20.38
CA LEU A 93 50.17 5.25 -21.78
C LEU A 93 50.74 6.30 -22.71
N PHE A 94 50.55 7.59 -22.39
CA PHE A 94 50.99 8.69 -23.26
C PHE A 94 52.33 9.26 -22.79
N SER A 95 53.23 8.41 -22.31
CA SER A 95 54.58 8.83 -21.98
C SER A 95 55.62 7.86 -22.53
N ALA A 96 55.26 7.07 -23.54
CA ALA A 96 56.18 6.10 -24.11
C ALA A 96 57.38 6.76 -24.80
N HIS A 97 57.30 8.07 -25.07
CA HIS A 97 58.37 8.77 -25.78
C HIS A 97 59.48 9.23 -24.86
N LEU A 98 59.59 8.65 -23.67
CA LEU A 98 60.70 8.92 -22.76
C LEU A 98 61.71 7.77 -22.71
N PHE A 99 61.45 6.68 -23.42
CA PHE A 99 62.33 5.52 -23.45
C PHE A 99 63.03 5.44 -24.81
N GLU A 100 63.82 4.38 -24.98
CA GLU A 100 64.53 4.16 -26.23
C GLU A 100 65.14 2.76 -26.21
N GLY A 101 65.14 2.12 -27.37
CA GLY A 101 65.74 0.80 -27.51
C GLY A 101 64.74 -0.33 -27.51
N THR A 102 65.18 -1.52 -27.12
CA THR A 102 64.30 -2.68 -27.08
C THR A 102 63.18 -2.46 -26.06
N ALA A 103 63.51 -1.89 -24.90
CA ALA A 103 62.51 -1.69 -23.86
C ALA A 103 61.36 -0.81 -24.34
N GLN A 104 61.57 -0.02 -25.38
CA GLN A 104 60.51 0.87 -25.84
C GLN A 104 59.28 0.09 -26.30
N VAL A 105 59.50 -1.01 -27.02
CA VAL A 105 58.37 -1.81 -27.51
C VAL A 105 57.69 -2.53 -26.35
N VAL A 106 58.47 -3.11 -25.46
CA VAL A 106 57.91 -3.84 -24.33
C VAL A 106 56.97 -2.95 -23.53
N PHE A 107 57.40 -1.71 -23.27
CA PHE A 107 56.56 -0.79 -22.53
C PHE A 107 55.26 -0.52 -23.27
N VAL A 108 55.34 -0.35 -24.59
CA VAL A 108 54.13 -0.10 -25.37
C VAL A 108 53.15 -1.25 -25.19
N CYS A 109 53.62 -2.49 -25.37
CA CYS A 109 52.71 -3.64 -25.30
C CYS A 109 52.10 -3.77 -23.92
N VAL A 110 52.93 -3.66 -22.88
CA VAL A 110 52.46 -3.85 -21.53
C VAL A 110 51.41 -2.80 -21.17
N THR A 111 51.70 -1.53 -21.46
CA THR A 111 50.77 -0.48 -21.12
C THR A 111 49.45 -0.64 -21.86
N TYR A 112 49.50 -1.00 -23.15
CA TYR A 112 48.25 -1.14 -23.89
C TYR A 112 47.40 -2.26 -23.33
N ILE A 113 48.02 -3.42 -23.04
CA ILE A 113 47.25 -4.53 -22.49
C ILE A 113 46.64 -4.16 -21.14
N LEU A 114 47.42 -3.50 -20.30
CA LEU A 114 46.89 -3.06 -19.01
C LEU A 114 45.70 -2.13 -19.20
N TRP A 115 45.80 -1.19 -20.14
CA TRP A 115 44.70 -0.28 -20.38
C TRP A 115 43.43 -1.04 -20.74
N GLY A 116 43.56 -2.02 -21.65
CA GLY A 116 42.39 -2.78 -22.05
C GLY A 116 41.74 -3.51 -20.88
N MET A 117 42.56 -4.23 -20.11
CA MET A 117 42.02 -5.01 -19.00
C MET A 117 41.34 -4.10 -17.97
N THR A 118 42.01 -3.02 -17.58
CA THR A 118 41.45 -2.15 -16.56
C THR A 118 40.16 -1.52 -17.04
N TYR A 119 40.09 -1.13 -18.32
CA TYR A 119 38.84 -0.56 -18.81
C TYR A 119 37.71 -1.57 -18.76
N THR A 120 37.98 -2.83 -19.14
CA THR A 120 36.92 -3.83 -19.03
C THR A 120 36.43 -3.96 -17.60
N ILE A 121 37.37 -4.02 -16.65
CA ILE A 121 37.01 -4.12 -15.24
C ILE A 121 36.09 -2.98 -14.84
N MET A 122 36.47 -1.75 -15.21
CA MET A 122 35.68 -0.59 -14.82
C MET A 122 34.32 -0.58 -15.51
N ASP A 123 34.23 -1.11 -16.72
CA ASP A 123 33.03 -0.92 -17.53
C ASP A 123 31.92 -1.91 -17.24
N ILE A 124 32.23 -3.19 -16.96
CA ILE A 124 31.16 -4.20 -16.90
C ILE A 124 30.10 -3.86 -15.87
N PRO A 125 30.42 -3.61 -14.60
CA PRO A 125 29.35 -3.34 -13.61
C PRO A 125 28.53 -2.10 -13.93
N PHE A 126 29.15 -1.07 -14.50
CA PHE A 126 28.44 0.18 -14.75
C PHE A 126 27.21 -0.06 -15.62
N TRP A 127 27.35 -0.89 -16.66
CA TRP A 127 26.20 -1.23 -17.48
C TRP A 127 25.39 -2.38 -16.90
N SER A 128 25.97 -3.20 -16.04
CA SER A 128 25.15 -4.21 -15.37
C SER A 128 24.19 -3.61 -14.35
N LEU A 129 24.39 -2.34 -13.97
CA LEU A 129 23.55 -1.75 -12.93
C LEU A 129 22.08 -1.67 -13.34
N VAL A 130 21.80 -1.26 -14.57
CA VAL A 130 20.44 -0.81 -14.91
C VAL A 130 19.40 -1.89 -14.65
N PRO A 131 19.54 -3.12 -15.14
CA PRO A 131 18.47 -4.10 -14.96
C PRO A 131 18.12 -4.35 -13.50
N THR A 132 19.06 -4.15 -12.59
CA THR A 132 18.83 -4.32 -11.16
C THR A 132 18.39 -3.00 -10.53
N ILE A 133 19.18 -1.96 -10.68
CA ILE A 133 18.91 -0.68 -10.05
C ILE A 133 17.71 -0.04 -10.75
N THR A 134 16.57 0.02 -10.06
CA THR A 134 15.44 0.85 -10.46
C THR A 134 15.04 0.61 -11.91
N LEU A 135 14.46 -0.57 -12.15
CA LEU A 135 13.86 -0.87 -13.45
C LEU A 135 12.85 -1.99 -13.25
N ASP A 136 11.56 -1.65 -13.38
CA ASP A 136 10.53 -2.68 -13.30
C ASP A 136 10.04 -3.07 -14.68
N LYS A 137 9.53 -2.10 -15.44
CA LYS A 137 8.99 -2.37 -16.76
C LYS A 137 8.73 -1.04 -17.45
N ARG A 138 9.32 -0.86 -18.63
CA ARG A 138 9.08 0.33 -19.46
C ARG A 138 9.65 1.60 -18.83
N GLU A 139 10.24 1.48 -17.64
CA GLU A 139 11.00 2.58 -17.07
C GLU A 139 12.42 2.66 -17.61
N ARG A 140 12.85 1.65 -18.38
CA ARG A 140 14.14 1.69 -19.04
C ARG A 140 14.10 2.39 -20.39
N GLU A 141 12.97 2.34 -21.08
CA GLU A 141 12.84 3.08 -22.34
C GLU A 141 12.93 4.58 -22.12
N GLN A 142 12.67 5.05 -20.90
CA GLN A 142 12.83 6.46 -20.58
C GLN A 142 14.24 6.80 -20.12
N LEU A 143 14.90 5.87 -19.44
CA LEU A 143 16.26 6.12 -18.97
C LEU A 143 17.31 5.93 -20.07
N VAL A 144 17.04 5.08 -21.05
CA VAL A 144 18.09 4.67 -21.99
C VAL A 144 18.66 5.83 -22.79
N PRO A 145 17.86 6.78 -23.31
CA PRO A 145 18.47 7.83 -24.14
C PRO A 145 19.40 8.76 -23.38
N PHE A 146 19.27 8.85 -22.05
CA PHE A 146 20.09 9.79 -21.28
C PHE A 146 21.56 9.45 -21.36
N PRO A 147 22.00 8.23 -21.00
CA PRO A 147 23.44 7.93 -21.11
C PRO A 147 23.97 8.02 -22.53
N ARG A 148 23.18 7.61 -23.53
CA ARG A 148 23.70 7.60 -24.90
C ARG A 148 23.87 9.01 -25.44
N PHE A 149 23.03 9.96 -25.01
CA PHE A 149 23.23 11.35 -25.41
C PHE A 149 24.62 11.83 -25.01
N PHE A 150 24.99 11.63 -23.74
CA PHE A 150 26.30 12.08 -23.28
C PHE A 150 27.42 11.24 -23.88
N ALA A 151 27.16 9.95 -24.13
CA ALA A 151 28.17 9.12 -24.79
C ALA A 151 28.52 9.69 -26.16
N SER A 152 27.51 10.11 -26.93
CA SER A 152 27.78 10.73 -28.21
C SER A 152 28.43 12.10 -28.04
N LEU A 153 28.02 12.86 -27.03
CA LEU A 153 28.56 14.21 -26.85
C LEU A 153 30.05 14.20 -26.54
N ALA A 154 30.50 13.19 -25.77
CA ALA A 154 31.89 13.18 -25.32
C ALA A 154 32.86 13.13 -26.50
N GLY A 155 32.60 12.27 -27.47
CA GLY A 155 33.50 12.15 -28.60
C GLY A 155 33.61 13.43 -29.39
N PHE A 156 32.48 14.11 -29.62
CA PHE A 156 32.51 15.36 -30.36
C PHE A 156 33.30 16.41 -29.60
N VAL A 157 33.09 16.52 -28.28
CA VAL A 157 33.81 17.54 -27.51
C VAL A 157 35.31 17.27 -27.58
N THR A 158 35.71 16.01 -27.39
CA THR A 158 37.13 15.68 -27.43
C THR A 158 37.72 15.95 -28.81
N ALA A 159 37.02 15.57 -29.87
CA ALA A 159 37.52 15.77 -31.22
C ALA A 159 37.67 17.26 -31.53
N GLY A 160 36.79 18.09 -30.99
CA GLY A 160 36.87 19.51 -31.25
C GLY A 160 37.84 20.25 -30.36
N ILE A 161 38.22 19.66 -29.23
CA ILE A 161 39.04 20.37 -28.26
C ILE A 161 40.49 19.88 -28.21
N THR A 162 40.80 18.69 -28.74
CA THR A 162 42.12 18.10 -28.52
C THR A 162 43.23 19.00 -29.07
N LEU A 163 43.29 19.16 -30.39
CA LEU A 163 44.50 19.70 -31.01
C LEU A 163 44.91 21.06 -30.48
N PRO A 164 44.00 22.03 -30.29
CA PRO A 164 44.45 23.33 -29.79
C PRO A 164 45.20 23.25 -28.48
N PHE A 165 44.81 22.35 -27.57
CA PHE A 165 45.49 22.26 -26.29
C PHE A 165 46.95 21.83 -26.47
N VAL A 166 47.18 20.77 -27.23
CA VAL A 166 48.54 20.32 -27.47
C VAL A 166 49.34 21.41 -28.17
N SER A 167 48.73 22.07 -29.16
CA SER A 167 49.43 23.12 -29.89
C SER A 167 49.84 24.25 -28.96
N TYR A 168 48.94 24.65 -28.06
CA TYR A 168 49.28 25.71 -27.10
C TYR A 168 50.41 25.26 -26.19
N VAL A 169 50.34 24.03 -25.67
CA VAL A 169 51.34 23.56 -24.72
C VAL A 169 52.50 22.84 -25.40
N GLY A 170 52.40 22.57 -26.69
CA GLY A 170 53.44 21.87 -27.42
C GLY A 170 54.49 22.81 -27.97
N GLY A 171 55.11 22.40 -29.07
CA GLY A 171 56.17 23.18 -29.69
C GLY A 171 57.54 22.58 -29.44
N ALA A 172 58.05 21.84 -30.43
CA ALA A 172 59.32 21.14 -30.32
C ALA A 172 59.20 19.92 -29.41
N ASP A 173 58.03 19.72 -28.82
CA ASP A 173 57.77 18.54 -28.00
C ASP A 173 56.26 18.32 -28.02
N ARG A 174 55.82 17.39 -28.87
CA ARG A 174 54.41 17.20 -29.16
C ARG A 174 53.82 16.00 -28.41
N GLY A 175 54.39 15.63 -27.28
CA GLY A 175 53.77 14.67 -26.37
C GLY A 175 53.59 15.27 -24.99
N PHE A 176 54.40 16.29 -24.70
CA PHE A 176 54.31 16.96 -23.42
C PHE A 176 52.93 17.57 -23.21
N GLY A 177 52.28 18.02 -24.29
CA GLY A 177 50.91 18.46 -24.18
C GLY A 177 49.92 17.31 -24.11
N PHE A 178 50.24 16.19 -24.75
CA PHE A 178 49.36 15.02 -24.65
C PHE A 178 49.23 14.56 -23.21
N GLN A 179 50.34 14.59 -22.47
CA GLN A 179 50.29 14.17 -21.07
C GLN A 179 49.35 15.06 -20.26
N MET A 180 49.41 16.38 -20.47
CA MET A 180 48.52 17.28 -19.74
C MET A 180 47.06 17.06 -20.14
N PHE A 181 46.82 16.84 -21.43
CA PHE A 181 45.46 16.52 -21.86
C PHE A 181 44.96 15.26 -21.15
N THR A 182 45.84 14.27 -20.99
CA THR A 182 45.48 13.07 -20.24
C THR A 182 45.13 13.43 -18.79
N LEU A 183 45.88 14.34 -18.19
CA LEU A 183 45.56 14.77 -16.83
C LEU A 183 44.15 15.34 -16.76
N VAL A 184 43.78 16.19 -17.72
CA VAL A 184 42.44 16.75 -17.72
C VAL A 184 41.39 15.64 -17.84
N LEU A 185 41.63 14.70 -18.75
CA LEU A 185 40.70 13.58 -18.91
C LEU A 185 40.51 12.83 -17.60
N ILE A 186 41.62 12.57 -16.89
CA ILE A 186 41.54 11.81 -15.64
C ILE A 186 40.74 12.58 -14.61
N ALA A 187 40.95 13.90 -14.53
CA ALA A 187 40.18 14.69 -13.57
C ALA A 187 38.68 14.55 -13.84
N PHE A 188 38.27 14.70 -15.09
CA PHE A 188 36.84 14.57 -15.40
C PHE A 188 36.34 13.16 -15.09
N PHE A 189 37.14 12.14 -15.40
CA PHE A 189 36.75 10.77 -15.14
C PHE A 189 36.48 10.53 -13.66
N ILE A 190 37.41 10.97 -12.80
CA ILE A 190 37.25 10.72 -11.37
C ILE A 190 36.05 11.48 -10.83
N ALA A 191 35.87 12.73 -11.26
CA ALA A 191 34.71 13.48 -10.78
C ALA A 191 33.41 12.79 -11.16
N SER A 192 33.31 12.30 -12.40
CA SER A 192 32.08 11.64 -12.82
C SER A 192 31.84 10.36 -12.03
N THR A 193 32.89 9.57 -11.78
CA THR A 193 32.70 8.35 -11.00
C THR A 193 32.23 8.68 -9.59
N ILE A 194 32.81 9.71 -8.97
CA ILE A 194 32.38 10.09 -7.63
C ILE A 194 30.91 10.47 -7.63
N VAL A 195 30.50 11.26 -8.62
CA VAL A 195 29.11 11.72 -8.64
C VAL A 195 28.16 10.54 -8.77
N THR A 196 28.45 9.62 -9.70
CA THR A 196 27.55 8.50 -9.89
C THR A 196 27.49 7.62 -8.64
N LEU A 197 28.64 7.37 -8.01
CA LEU A 197 28.63 6.56 -6.79
C LEU A 197 27.82 7.22 -5.69
N ARG A 198 27.93 8.53 -5.55
CA ARG A 198 27.21 9.22 -4.47
C ARG A 198 25.73 9.34 -4.77
N ASN A 199 25.33 9.33 -6.04
CA ASN A 199 23.93 9.59 -6.39
C ASN A 199 23.26 8.42 -7.09
N VAL A 200 23.75 7.20 -6.93
CA VAL A 200 23.04 6.02 -7.42
C VAL A 200 22.94 5.00 -6.28
N HIS A 201 21.73 4.44 -6.10
CA HIS A 201 21.45 3.50 -5.03
C HIS A 201 20.81 2.25 -5.60
N GLU A 202 20.97 1.13 -4.88
CA GLU A 202 20.60 -0.19 -5.38
C GLU A 202 19.24 -0.62 -4.84
N VAL A 203 18.39 -1.11 -5.73
CA VAL A 203 17.09 -1.69 -5.39
C VAL A 203 16.82 -2.84 -6.36
N TYR A 204 15.83 -3.66 -6.04
CA TYR A 204 15.43 -4.79 -6.90
C TYR A 204 16.61 -5.72 -7.17
N SER A 205 17.18 -6.24 -6.09
CA SER A 205 18.32 -7.15 -6.22
C SER A 205 17.85 -8.49 -6.77
N SER A 206 18.79 -9.43 -6.88
CA SER A 206 18.49 -10.77 -7.39
C SER A 206 19.55 -11.73 -6.87
N ASP A 207 19.17 -13.01 -6.84
CA ASP A 207 20.05 -14.07 -6.37
C ASP A 207 20.00 -15.23 -7.34
N ASN A 208 21.07 -16.03 -7.34
CA ASN A 208 21.22 -17.23 -8.15
C ASN A 208 21.38 -16.93 -9.64
N GLY A 209 21.60 -15.67 -10.01
CA GLY A 209 21.76 -15.31 -11.40
C GLY A 209 21.21 -13.94 -11.72
N THR A 218 26.80 -23.53 -23.85
CA THR A 218 28.12 -23.99 -24.27
C THR A 218 28.38 -23.61 -25.73
N LEU A 219 29.61 -23.85 -26.19
CA LEU A 219 29.95 -23.53 -27.57
C LEU A 219 29.11 -24.33 -28.55
N LYS A 220 28.85 -25.60 -28.23
CA LYS A 220 27.96 -26.40 -29.07
C LYS A 220 26.56 -25.78 -29.09
N THR A 221 26.07 -25.35 -27.93
CA THR A 221 24.79 -24.66 -27.88
C THR A 221 24.84 -23.36 -28.68
N ILE A 222 25.98 -22.66 -28.62
CA ILE A 222 26.11 -21.40 -29.35
C ILE A 222 26.02 -21.64 -30.85
N VAL A 223 26.74 -22.63 -31.36
CA VAL A 223 26.70 -22.89 -32.81
C VAL A 223 25.32 -23.39 -33.22
N GLY A 224 24.69 -24.21 -32.40
CA GLY A 224 23.33 -24.62 -32.69
C GLY A 224 22.38 -23.44 -32.78
N LEU A 225 22.47 -22.52 -31.82
CA LEU A 225 21.62 -21.34 -31.83
C LEU A 225 21.87 -20.49 -33.07
N ILE A 226 23.15 -20.31 -33.43
CA ILE A 226 23.48 -19.50 -34.61
C ILE A 226 22.90 -20.12 -35.86
N TYR A 227 23.05 -21.45 -36.01
CA TYR A 227 22.52 -22.12 -37.18
C TYR A 227 21.00 -22.06 -37.23
N LYS A 228 20.35 -22.21 -36.08
CA LYS A 228 18.89 -22.27 -36.07
C LYS A 228 18.28 -20.94 -36.50
N ASN A 229 18.75 -19.84 -35.93
CA ASN A 229 18.20 -18.52 -36.23
C ASN A 229 18.92 -17.95 -37.45
N ASP A 230 18.37 -18.23 -38.64
CA ASP A 230 18.93 -17.65 -39.86
C ASP A 230 18.81 -16.13 -39.84
N GLN A 231 17.73 -15.60 -39.27
CA GLN A 231 17.61 -14.15 -39.12
C GLN A 231 18.71 -13.62 -38.21
N LEU A 232 19.01 -14.34 -37.13
CA LEU A 232 20.11 -13.93 -36.26
C LEU A 232 21.44 -13.97 -37.01
N SER A 233 21.61 -14.94 -37.91
CA SER A 233 22.84 -15.00 -38.70
C SER A 233 22.98 -13.75 -39.56
N CYS A 234 21.87 -13.25 -40.13
CA CYS A 234 21.95 -12.05 -40.94
C CYS A 234 22.14 -10.80 -40.08
N LEU A 235 21.63 -10.81 -38.85
CA LEU A 235 21.75 -9.64 -37.98
C LEU A 235 23.22 -9.35 -37.67
N LEU A 236 23.95 -10.37 -37.20
CA LEU A 236 25.36 -10.16 -36.84
C LEU A 236 26.18 -9.79 -38.06
N GLY A 237 25.94 -10.44 -39.20
CA GLY A 237 26.65 -10.08 -40.41
C GLY A 237 26.39 -8.65 -40.83
N MET A 238 25.14 -8.20 -40.70
CA MET A 238 24.82 -6.80 -40.99
C MET A 238 25.57 -5.87 -40.06
N ALA A 239 25.60 -6.18 -38.76
CA ALA A 239 26.23 -5.30 -37.79
C ALA A 239 27.73 -5.18 -38.04
N LEU A 240 28.38 -6.31 -38.36
CA LEU A 240 29.84 -6.32 -38.44
C LEU A 240 30.35 -5.37 -39.52
N ALA A 241 29.73 -5.39 -40.70
CA ALA A 241 30.19 -4.57 -41.80
C ALA A 241 30.10 -3.09 -41.44
N TYR A 242 28.97 -2.67 -40.87
CA TYR A 242 28.81 -1.28 -40.48
C TYR A 242 29.83 -0.88 -39.42
N ASN A 243 30.06 -1.76 -38.45
CA ASN A 243 31.05 -1.45 -37.42
C ASN A 243 32.42 -1.24 -38.04
N ILE A 244 32.83 -2.13 -38.94
CA ILE A 244 34.15 -2.02 -39.55
C ILE A 244 34.27 -0.73 -40.35
N ALA A 245 33.24 -0.40 -41.14
CA ALA A 245 33.29 0.81 -41.94
C ALA A 245 33.41 2.05 -41.06
N SER A 246 32.58 2.12 -40.01
CA SER A 246 32.61 3.28 -39.13
C SER A 246 33.96 3.40 -38.44
N ASN A 247 34.53 2.27 -38.00
CA ASN A 247 35.83 2.33 -37.36
C ASN A 247 36.91 2.83 -38.33
N ILE A 248 36.88 2.36 -39.57
CA ILE A 248 37.85 2.84 -40.56
C ILE A 248 37.74 4.35 -40.69
N ILE A 249 36.52 4.84 -40.91
CA ILE A 249 36.35 6.27 -41.18
C ILE A 249 36.75 7.10 -39.97
N ASN A 250 36.38 6.65 -38.77
CA ASN A 250 36.67 7.45 -37.58
C ASN A 250 38.16 7.42 -37.24
N GLY A 251 38.85 6.33 -37.54
CA GLY A 251 40.24 6.20 -37.17
C GLY A 251 41.21 6.86 -38.14
N PHE A 252 40.99 6.69 -39.43
CA PHE A 252 41.97 7.15 -40.41
C PHE A 252 41.85 8.63 -40.77
N ALA A 253 40.86 9.34 -40.21
CA ALA A 253 40.55 10.68 -40.69
C ALA A 253 41.74 11.63 -40.53
N ILE A 254 42.46 11.53 -39.41
CA ILE A 254 43.54 12.48 -39.16
C ILE A 254 44.60 12.38 -40.24
N TYR A 255 44.95 11.16 -40.63
CA TYR A 255 45.92 10.98 -41.70
C TYR A 255 45.45 11.64 -42.99
N TYR A 256 44.17 11.43 -43.34
CA TYR A 256 43.65 11.98 -44.59
C TYR A 256 43.67 13.50 -44.57
N PHE A 257 43.19 14.12 -43.49
CA PHE A 257 43.12 15.57 -43.42
C PHE A 257 44.44 16.22 -43.04
N THR A 258 45.48 15.44 -42.78
CA THR A 258 46.83 15.97 -42.64
C THR A 258 47.67 15.81 -43.89
N TYR A 259 47.42 14.77 -44.69
CA TYR A 259 48.23 14.49 -45.87
C TYR A 259 47.52 14.85 -47.17
N VAL A 260 46.36 14.28 -47.44
CA VAL A 260 45.75 14.46 -48.75
C VAL A 260 45.23 15.89 -48.89
N ILE A 261 44.45 16.34 -47.94
CA ILE A 261 43.88 17.67 -47.97
C ILE A 261 44.83 18.62 -47.25
N GLY A 262 44.82 19.88 -47.66
CA GLY A 262 45.64 20.88 -47.02
C GLY A 262 45.41 20.89 -45.52
N ASP A 263 46.48 20.73 -44.75
CA ASP A 263 46.37 20.62 -43.30
C ASP A 263 46.09 22.00 -42.70
N ALA A 264 44.87 22.48 -42.98
CA ALA A 264 44.37 23.72 -42.40
C ALA A 264 43.33 23.46 -41.31
N ASP A 265 43.32 22.24 -40.76
CA ASP A 265 42.46 21.90 -39.63
C ASP A 265 40.98 22.02 -40.00
N LEU A 266 40.59 21.24 -40.99
CA LEU A 266 39.18 21.03 -41.30
C LEU A 266 38.63 19.77 -40.62
N PHE A 267 39.48 19.02 -39.94
CA PHE A 267 39.03 17.87 -39.17
C PHE A 267 38.03 18.26 -38.07
N PRO A 268 38.29 19.26 -37.24
CA PRO A 268 37.28 19.64 -36.24
C PRO A 268 35.96 20.01 -36.87
N TYR A 269 35.98 20.77 -37.96
CA TYR A 269 34.73 21.09 -38.64
C TYR A 269 34.04 19.83 -39.14
N TYR A 270 34.82 18.88 -39.65
CA TYR A 270 34.21 17.68 -40.23
C TYR A 270 33.50 16.85 -39.17
N LEU A 271 34.08 16.72 -37.98
CA LEU A 271 33.51 15.83 -36.97
C LEU A 271 32.79 16.54 -35.83
N SER A 272 33.48 17.44 -35.12
CA SER A 272 32.92 17.99 -33.89
C SER A 272 31.61 18.72 -34.16
N TYR A 273 31.57 19.54 -35.23
CA TYR A 273 30.41 20.38 -35.46
C TYR A 273 29.24 19.59 -36.02
N ALA A 274 29.50 18.61 -36.89
CA ALA A 274 28.44 17.69 -37.31
C ALA A 274 27.92 16.87 -36.13
N GLY A 275 28.70 16.79 -35.04
CA GLY A 275 28.16 16.17 -33.84
C GLY A 275 26.86 16.81 -33.38
N ALA A 276 26.70 18.12 -33.62
CA ALA A 276 25.46 18.78 -33.26
C ALA A 276 24.28 18.23 -34.07
N ALA A 277 24.49 17.99 -35.37
CA ALA A 277 23.44 17.36 -36.16
C ALA A 277 23.14 15.97 -35.65
N ASN A 278 24.18 15.25 -35.24
CA ASN A 278 23.97 13.93 -34.63
C ASN A 278 23.05 14.04 -33.42
N LEU A 279 23.35 14.99 -32.52
CA LEU A 279 22.57 15.14 -31.30
C LEU A 279 21.13 15.52 -31.61
N LEU A 280 20.91 16.43 -32.56
CA LEU A 280 19.55 16.82 -32.92
C LEU A 280 18.78 15.63 -33.48
N THR A 281 19.40 14.85 -34.37
CA THR A 281 18.73 13.68 -34.91
C THR A 281 18.37 12.71 -33.80
N LEU A 282 19.26 12.54 -32.83
CA LEU A 282 18.98 11.64 -31.72
C LEU A 282 17.83 12.14 -30.86
N ILE A 283 17.79 13.45 -30.60
CA ILE A 283 16.80 13.99 -29.67
C ILE A 283 15.43 14.07 -30.31
N VAL A 284 15.34 14.22 -31.63
CA VAL A 284 14.06 14.27 -32.33
C VAL A 284 13.68 12.93 -32.93
N PHE A 285 14.35 11.85 -32.52
CA PHE A 285 14.19 10.57 -33.21
C PHE A 285 12.77 10.01 -33.15
N PRO A 286 12.08 10.01 -32.01
CA PRO A 286 10.76 9.34 -31.98
C PRO A 286 9.78 9.90 -32.99
N ARG A 287 9.75 11.23 -33.17
CA ARG A 287 8.83 11.82 -34.13
C ARG A 287 9.21 11.40 -35.55
N LEU A 288 10.51 11.37 -35.85
CA LEU A 288 10.95 10.94 -37.17
C LEU A 288 10.54 9.49 -37.44
N VAL A 289 10.70 8.62 -36.45
CA VAL A 289 10.31 7.22 -36.63
C VAL A 289 8.80 7.12 -36.86
N LYS A 290 8.02 7.84 -36.05
CA LYS A 290 6.58 7.81 -36.24
C LYS A 290 6.19 8.31 -37.63
N MET A 291 6.91 9.31 -38.14
CA MET A 291 6.58 9.88 -39.44
C MET A 291 6.77 8.86 -40.56
N LEU A 292 7.84 8.07 -40.51
CA LEU A 292 8.28 7.27 -41.63
C LEU A 292 8.31 5.79 -41.28
N SER A 293 8.23 4.96 -42.32
CA SER A 293 8.31 3.52 -42.16
C SER A 293 9.74 3.10 -41.81
N ARG A 294 9.86 1.91 -41.21
CA ARG A 294 11.17 1.45 -40.75
C ARG A 294 12.09 1.10 -41.91
N ARG A 295 11.55 0.49 -42.97
CA ARG A 295 12.41 0.05 -44.07
C ARG A 295 13.11 1.23 -44.72
N ILE A 296 12.38 2.32 -44.97
CA ILE A 296 13.00 3.50 -45.57
C ILE A 296 14.01 4.11 -44.62
N LEU A 297 13.74 4.05 -43.32
CA LEU A 297 14.72 4.54 -42.35
C LEU A 297 16.02 3.76 -42.42
N TRP A 298 15.92 2.44 -42.50
CA TRP A 298 17.13 1.62 -42.62
C TRP A 298 17.86 1.92 -43.92
N ALA A 299 17.11 2.07 -45.01
CA ALA A 299 17.73 2.39 -46.29
C ALA A 299 18.49 3.71 -46.22
N GLY A 300 17.88 4.73 -45.61
CA GLY A 300 18.57 6.00 -45.45
C GLY A 300 19.80 5.87 -44.56
N ALA A 301 19.71 5.04 -43.52
CA ALA A 301 20.85 4.82 -42.66
C ALA A 301 22.02 4.27 -43.44
N SER A 302 21.76 3.29 -44.31
CA SER A 302 22.83 2.70 -45.10
C SER A 302 23.21 3.55 -46.31
N VAL A 303 22.42 4.54 -46.68
CA VAL A 303 22.71 5.36 -47.85
C VAL A 303 23.53 6.59 -47.50
N MET A 304 23.16 7.31 -46.44
CA MET A 304 23.79 8.59 -46.14
C MET A 304 25.31 8.53 -46.08
N PRO A 305 25.93 7.56 -45.40
CA PRO A 305 27.41 7.53 -45.38
C PRO A 305 28.02 7.44 -46.76
N VAL A 306 27.38 6.69 -47.66
CA VAL A 306 27.90 6.57 -49.02
C VAL A 306 27.85 7.91 -49.72
N LEU A 307 26.79 8.69 -49.49
CA LEU A 307 26.72 10.03 -50.06
C LEU A 307 27.84 10.91 -49.50
N SER A 308 28.08 10.83 -48.20
CA SER A 308 29.16 11.63 -47.62
C SER A 308 30.50 11.28 -48.27
N CYS A 309 30.81 10.00 -48.36
CA CYS A 309 32.09 9.59 -48.92
C CYS A 309 32.19 9.94 -50.40
N ALA A 310 31.09 9.78 -51.14
CA ALA A 310 31.10 10.12 -52.55
C ALA A 310 31.37 11.60 -52.74
N GLY A 311 30.70 12.46 -51.97
CA GLY A 311 30.98 13.88 -52.07
C GLY A 311 32.43 14.18 -51.73
N LEU A 312 32.94 13.57 -50.65
CA LEU A 312 34.32 13.79 -50.26
C LEU A 312 35.26 13.48 -51.42
N PHE A 313 35.25 12.23 -51.89
CA PHE A 313 36.23 11.85 -52.91
C PHE A 313 36.00 12.60 -54.21
N ALA A 314 34.75 12.75 -54.64
CA ALA A 314 34.48 13.40 -55.92
C ALA A 314 34.95 14.85 -55.91
N MET A 315 34.70 15.58 -54.83
CA MET A 315 35.16 16.96 -54.76
C MET A 315 36.62 17.06 -54.33
N ALA A 316 37.25 15.95 -53.97
CA ALA A 316 38.68 15.97 -53.69
C ALA A 316 39.50 16.28 -54.93
N LEU A 317 38.91 16.17 -56.12
CA LEU A 317 39.60 16.50 -57.36
C LEU A 317 39.03 17.78 -57.94
N ALA A 318 39.91 18.68 -58.38
CA ALA A 318 39.53 19.94 -59.01
C ALA A 318 38.68 20.79 -58.06
N ASP A 319 39.30 21.16 -56.93
CA ASP A 319 38.63 22.00 -55.95
C ASP A 319 39.70 22.57 -55.01
N ILE A 320 39.26 23.42 -54.09
CA ILE A 320 40.14 23.96 -53.05
C ILE A 320 39.60 23.53 -51.70
N HIS A 321 39.04 22.32 -51.63
CA HIS A 321 38.54 21.74 -50.39
C HIS A 321 37.45 22.62 -49.77
N ASN A 322 36.35 22.69 -50.51
CA ASN A 322 35.20 23.48 -50.09
C ASN A 322 34.86 23.23 -48.62
N ALA A 323 34.74 24.31 -47.86
CA ALA A 323 34.29 24.18 -46.48
C ALA A 323 32.86 23.63 -46.42
N ALA A 324 31.98 24.12 -47.30
CA ALA A 324 30.62 23.61 -47.33
C ALA A 324 30.61 22.11 -47.59
N LEU A 325 31.50 21.64 -48.46
CA LEU A 325 31.62 20.20 -48.72
C LEU A 325 31.89 19.43 -47.44
N ILE A 326 32.91 19.85 -46.69
CA ILE A 326 33.35 19.07 -45.54
C ILE A 326 32.25 19.02 -44.48
N VAL A 327 31.70 20.18 -44.12
CA VAL A 327 30.70 20.21 -43.06
C VAL A 327 29.44 19.45 -43.47
N ALA A 328 28.99 19.65 -44.71
CA ALA A 328 27.79 18.95 -45.16
C ALA A 328 28.00 17.44 -45.15
N ALA A 329 29.14 16.97 -45.65
CA ALA A 329 29.41 15.54 -45.65
C ALA A 329 29.45 15.00 -44.22
N GLY A 330 30.06 15.75 -43.31
CA GLY A 330 30.08 15.33 -41.92
C GLY A 330 28.68 15.23 -41.34
N ILE A 331 27.82 16.18 -41.67
CA ILE A 331 26.45 16.15 -41.19
C ILE A 331 25.74 14.89 -41.70
N PHE A 332 25.90 14.59 -42.99
CA PHE A 332 25.29 13.39 -43.54
C PHE A 332 25.77 12.14 -42.82
N LEU A 333 27.09 12.03 -42.63
CA LEU A 333 27.65 10.84 -42.00
C LEU A 333 27.13 10.70 -40.57
N ASN A 334 27.07 11.80 -39.83
CA ASN A 334 26.62 11.72 -38.45
C ASN A 334 25.14 11.34 -38.38
N ILE A 335 24.33 11.85 -39.30
CA ILE A 335 22.92 11.47 -39.31
C ILE A 335 22.78 9.98 -39.56
N GLY A 336 23.52 9.47 -40.54
CA GLY A 336 23.45 8.04 -40.82
C GLY A 336 23.87 7.19 -39.64
N THR A 337 24.97 7.58 -38.99
CA THR A 337 25.47 6.79 -37.86
C THR A 337 24.46 6.79 -36.72
N ALA A 338 23.91 7.96 -36.38
CA ALA A 338 22.95 8.00 -35.29
C ALA A 338 21.72 7.16 -35.61
N LEU A 339 21.20 7.27 -36.84
CA LEU A 339 20.00 6.53 -37.17
C LEU A 339 20.23 5.02 -37.12
N PHE A 340 21.35 4.55 -37.68
CA PHE A 340 21.61 3.12 -37.64
C PHE A 340 21.83 2.65 -36.20
N TRP A 341 22.55 3.44 -35.40
CA TRP A 341 22.79 3.05 -34.02
C TRP A 341 21.50 2.88 -33.26
N VAL A 342 20.55 3.80 -33.45
CA VAL A 342 19.27 3.66 -32.76
C VAL A 342 18.48 2.47 -33.31
N LEU A 343 18.52 2.28 -34.63
CA LEU A 343 17.73 1.19 -35.22
C LEU A 343 18.26 -0.19 -34.83
N GLN A 344 19.53 -0.29 -34.44
CA GLN A 344 20.06 -1.61 -34.06
C GLN A 344 19.22 -2.27 -32.97
N VAL A 345 18.67 -1.48 -32.06
CA VAL A 345 18.07 -2.05 -30.84
C VAL A 345 16.84 -2.88 -31.18
N ILE A 346 15.94 -2.33 -32.00
CA ILE A 346 14.62 -2.95 -32.17
C ILE A 346 14.72 -4.33 -32.80
N MET A 347 15.75 -4.57 -33.61
CA MET A 347 15.80 -5.81 -34.39
C MET A 347 16.18 -7.02 -33.53
N VAL A 348 16.99 -6.83 -32.50
CA VAL A 348 17.50 -7.96 -31.74
C VAL A 348 16.36 -8.69 -31.05
N ALA A 349 15.42 -7.94 -30.44
CA ALA A 349 14.32 -8.57 -29.74
C ALA A 349 13.45 -9.37 -30.70
N ASP A 350 13.13 -8.81 -31.87
CA ASP A 350 12.33 -9.53 -32.85
C ASP A 350 13.04 -10.78 -33.32
N THR A 351 14.35 -10.69 -33.57
CA THR A 351 15.10 -11.85 -34.03
C THR A 351 15.13 -12.95 -32.98
N VAL A 352 15.34 -12.59 -31.70
CA VAL A 352 15.48 -13.58 -30.65
C VAL A 352 14.15 -14.09 -30.13
N ASP A 353 13.05 -13.42 -30.46
CA ASP A 353 11.75 -13.89 -30.00
C ASP A 353 11.45 -15.29 -30.50
N TYR A 354 11.74 -15.56 -31.77
CA TYR A 354 11.51 -16.88 -32.35
C TYR A 354 12.71 -17.79 -32.14
N ILE A 361 21.84 -21.14 -21.97
CA ILE A 361 21.31 -20.88 -20.65
C ILE A 361 20.04 -20.03 -20.80
N ARG A 362 20.11 -18.74 -20.44
CA ARG A 362 18.95 -17.87 -20.57
C ARG A 362 18.53 -17.73 -22.04
N CYS A 363 19.51 -17.62 -22.94
CA CYS A 363 19.33 -17.43 -24.37
C CYS A 363 19.00 -15.99 -24.72
N GLU A 364 18.77 -15.12 -23.74
CA GLU A 364 18.63 -13.69 -23.95
C GLU A 364 19.81 -12.90 -23.40
N SER A 365 20.23 -13.23 -22.17
CA SER A 365 21.49 -12.68 -21.67
C SER A 365 22.64 -13.05 -22.59
N ILE A 366 22.61 -14.27 -23.14
CA ILE A 366 23.64 -14.68 -24.09
C ILE A 366 23.60 -13.82 -25.34
N ALA A 367 22.39 -13.60 -25.88
CA ALA A 367 22.25 -12.75 -27.06
C ALA A 367 22.67 -11.32 -26.78
N TYR A 368 22.63 -10.89 -25.53
CA TYR A 368 23.02 -9.52 -25.21
C TYR A 368 24.49 -9.25 -25.55
N SER A 369 25.37 -10.21 -25.26
CA SER A 369 26.81 -9.99 -25.40
C SER A 369 27.32 -10.17 -26.82
N VAL A 370 26.54 -10.79 -27.70
CA VAL A 370 27.01 -11.06 -29.06
C VAL A 370 27.25 -9.76 -29.81
N GLN A 371 26.39 -8.76 -29.58
CA GLN A 371 26.57 -7.48 -30.25
C GLN A 371 27.90 -6.84 -29.86
N THR A 372 28.22 -6.85 -28.58
CA THR A 372 29.50 -6.29 -28.14
C THR A 372 30.67 -7.07 -28.71
N MET A 373 30.55 -8.40 -28.73
CA MET A 373 31.59 -9.22 -29.34
C MET A 373 31.84 -8.78 -30.79
N VAL A 374 30.76 -8.65 -31.56
CA VAL A 374 30.90 -8.28 -32.97
C VAL A 374 31.51 -6.90 -33.10
N VAL A 375 31.08 -5.95 -32.25
CA VAL A 375 31.60 -4.60 -32.33
C VAL A 375 33.11 -4.59 -32.13
N LYS A 376 33.57 -5.24 -31.06
CA LYS A 376 35.00 -5.23 -30.77
C LYS A 376 35.79 -5.97 -31.85
N GLY A 377 35.26 -7.08 -32.36
CA GLY A 377 35.95 -7.78 -33.43
C GLY A 377 36.10 -6.93 -34.67
N GLY A 378 35.03 -6.21 -35.05
CA GLY A 378 35.11 -5.34 -36.20
C GLY A 378 36.12 -4.22 -36.00
N SER A 379 36.14 -3.63 -34.81
CA SER A 379 37.12 -2.58 -34.54
C SER A 379 38.55 -3.10 -34.70
N ALA A 380 38.83 -4.27 -34.12
CA ALA A 380 40.18 -4.82 -34.22
C ALA A 380 40.55 -5.12 -35.66
N PHE A 381 39.62 -5.71 -36.42
CA PHE A 381 39.90 -6.03 -37.81
C PHE A 381 40.17 -4.77 -38.62
N ALA A 382 39.39 -3.71 -38.38
CA ALA A 382 39.61 -2.46 -39.11
C ALA A 382 40.97 -1.88 -38.78
N ALA A 383 41.37 -1.91 -37.51
CA ALA A 383 42.68 -1.37 -37.16
C ALA A 383 43.79 -2.15 -37.86
N PHE A 384 43.69 -3.48 -37.86
CA PHE A 384 44.73 -4.28 -38.52
C PHE A 384 44.76 -4.00 -40.02
N PHE A 385 43.59 -3.87 -40.64
CA PHE A 385 43.53 -3.59 -42.08
C PHE A 385 44.21 -2.27 -42.40
N ILE A 386 43.92 -1.22 -41.61
CA ILE A 386 44.55 0.07 -41.85
C ILE A 386 46.07 -0.06 -41.69
N ALA A 387 46.50 -0.75 -40.64
CA ALA A 387 47.94 -0.87 -40.41
C ALA A 387 48.63 -1.52 -41.60
N LEU A 388 48.10 -2.64 -42.07
CA LEU A 388 48.75 -3.36 -43.16
C LEU A 388 48.76 -2.53 -44.44
N VAL A 389 47.60 -1.96 -44.81
CA VAL A 389 47.54 -1.23 -46.07
C VAL A 389 48.45 0.00 -46.02
N LEU A 390 48.44 0.72 -44.91
CA LEU A 390 49.32 1.88 -44.77
C LEU A 390 50.78 1.48 -44.88
N GLY A 391 51.16 0.38 -44.23
CA GLY A 391 52.55 -0.05 -44.31
C GLY A 391 52.95 -0.45 -45.72
N LEU A 392 52.01 -1.00 -46.49
CA LEU A 392 52.35 -1.50 -47.83
C LEU A 392 52.88 -0.38 -48.73
N ILE A 393 52.06 0.62 -49.00
CA ILE A 393 52.35 1.52 -50.12
C ILE A 393 53.54 2.41 -49.81
N GLY A 394 53.47 3.19 -48.74
CA GLY A 394 54.47 4.22 -48.52
C GLY A 394 54.85 4.45 -47.07
N TYR A 395 55.70 5.46 -46.85
CA TYR A 395 56.23 5.76 -45.52
C TYR A 395 55.47 6.95 -44.96
N THR A 396 54.55 6.68 -44.05
CA THR A 396 53.80 7.71 -43.35
C THR A 396 54.62 8.33 -42.22
N PRO A 397 55.38 7.55 -41.45
CA PRO A 397 56.13 8.12 -40.32
C PRO A 397 57.06 9.26 -40.70
N ASN A 398 57.24 9.53 -42.00
CA ASN A 398 58.19 10.56 -42.40
C ASN A 398 57.88 11.90 -41.78
N VAL A 399 56.60 12.20 -41.55
CA VAL A 399 56.19 13.53 -41.11
C VAL A 399 56.75 14.54 -42.11
N ALA A 400 56.57 14.26 -43.40
CA ALA A 400 57.11 15.10 -44.46
C ALA A 400 56.11 15.13 -45.61
N GLN A 401 56.38 16.01 -46.58
CA GLN A 401 55.54 16.15 -47.75
C GLN A 401 55.12 14.79 -48.27
N SER A 402 53.84 14.67 -48.62
CA SER A 402 53.30 13.38 -49.07
C SER A 402 53.92 13.02 -50.41
N ALA A 403 54.75 11.97 -50.42
CA ALA A 403 55.30 11.49 -51.68
C ALA A 403 54.17 11.08 -52.61
N GLN A 404 54.30 11.44 -53.88
CA GLN A 404 53.26 11.12 -54.84
C GLN A 404 53.20 9.62 -55.07
N THR A 405 52.07 9.17 -55.62
CA THR A 405 51.69 7.78 -55.81
C THR A 405 51.24 7.14 -54.50
N LEU A 406 51.38 7.82 -53.37
CA LEU A 406 50.76 7.39 -52.12
C LEU A 406 49.36 7.95 -51.96
N GLN A 407 49.03 8.99 -52.72
CA GLN A 407 47.69 9.56 -52.66
C GLN A 407 46.65 8.55 -53.13
N GLY A 408 46.99 7.74 -54.14
CA GLY A 408 46.10 6.68 -54.54
C GLY A 408 45.85 5.70 -53.41
N MET A 409 46.89 5.35 -52.67
CA MET A 409 46.73 4.44 -51.53
C MET A 409 45.83 5.05 -50.47
N GLN A 410 46.05 6.31 -50.13
CA GLN A 410 45.23 6.93 -49.09
C GLN A 410 43.79 7.06 -49.54
N PHE A 411 43.58 7.38 -50.83
CA PHE A 411 42.22 7.50 -51.35
C PHE A 411 41.50 6.16 -51.31
N ILE A 412 42.16 5.08 -51.74
CA ILE A 412 41.51 3.77 -51.68
C ILE A 412 41.24 3.39 -50.23
N MET A 413 42.17 3.71 -49.33
CA MET A 413 41.96 3.45 -47.91
C MET A 413 40.68 4.11 -47.42
N ILE A 414 40.51 5.41 -47.73
CA ILE A 414 39.38 6.13 -47.14
C ILE A 414 38.09 5.95 -47.91
N VAL A 415 38.13 5.39 -49.13
CA VAL A 415 36.91 5.10 -49.87
C VAL A 415 36.55 3.62 -49.87
N LEU A 416 37.36 2.77 -49.25
CA LEU A 416 36.97 1.38 -49.05
C LEU A 416 35.67 1.22 -48.26
N PRO A 417 35.42 1.98 -47.19
CA PRO A 417 34.18 1.78 -46.41
C PRO A 417 32.91 1.68 -47.23
N VAL A 418 32.84 2.38 -48.37
CA VAL A 418 31.62 2.36 -49.17
C VAL A 418 31.29 0.94 -49.61
N LEU A 419 32.30 0.09 -49.81
CA LEU A 419 32.04 -1.30 -50.16
C LEU A 419 31.33 -2.03 -49.01
N PHE A 420 31.78 -1.80 -47.78
CA PHE A 420 31.10 -2.41 -46.63
C PHE A 420 29.68 -1.89 -46.51
N PHE A 421 29.47 -0.61 -46.75
CA PHE A 421 28.10 -0.08 -46.72
C PHE A 421 27.24 -0.76 -47.78
N MET A 422 27.79 -0.94 -48.98
CA MET A 422 27.06 -1.65 -50.03
C MET A 422 26.71 -3.07 -49.61
N MET A 423 27.66 -3.78 -49.01
CA MET A 423 27.40 -5.15 -48.60
C MET A 423 26.31 -5.21 -47.54
N THR A 424 26.35 -4.28 -46.56
CA THR A 424 25.31 -4.24 -45.56
C THR A 424 23.94 -4.00 -46.19
N LEU A 425 23.89 -3.06 -47.14
CA LEU A 425 22.62 -2.77 -47.79
C LEU A 425 22.08 -3.98 -48.53
N VAL A 426 22.96 -4.70 -49.24
CA VAL A 426 22.51 -5.89 -49.97
C VAL A 426 21.98 -6.95 -48.99
N LEU A 427 22.72 -7.17 -47.90
CA LEU A 427 22.31 -8.20 -46.95
C LEU A 427 20.95 -7.86 -46.34
N TYR A 428 20.74 -6.60 -45.97
CA TYR A 428 19.43 -6.21 -45.46
C TYR A 428 18.35 -6.36 -46.52
N PHE A 429 18.64 -5.91 -47.75
CA PHE A 429 17.63 -5.92 -48.80
C PHE A 429 17.21 -7.34 -49.14
N ARG A 430 18.08 -8.32 -48.92
CA ARG A 430 17.70 -9.70 -49.18
C ARG A 430 16.39 -10.05 -48.48
N TYR A 431 16.22 -9.59 -47.24
CA TYR A 431 14.99 -9.84 -46.49
C TYR A 431 14.04 -8.65 -46.62
N ARG B 4 -9.23 -6.91 -18.21
CA ARG B 4 -8.35 -7.73 -17.39
C ARG B 4 -9.01 -8.05 -16.05
N GLN B 5 -8.38 -8.94 -15.29
CA GLN B 5 -8.89 -9.30 -13.97
C GLN B 5 -7.86 -10.15 -13.24
N LEU B 6 -7.77 -9.96 -11.94
CA LEU B 6 -6.87 -10.71 -11.07
C LEU B 6 -7.69 -11.58 -10.15
N VAL B 7 -7.46 -12.88 -10.18
CA VAL B 7 -8.15 -13.84 -9.32
C VAL B 7 -7.11 -14.57 -8.48
N GLU B 8 -7.31 -14.57 -7.17
CA GLU B 8 -6.33 -15.08 -6.22
C GLU B 8 -6.88 -16.34 -5.54
N SER B 9 -6.01 -17.34 -5.37
CA SER B 9 -6.43 -18.62 -4.80
C SER B 9 -5.55 -19.00 -3.62
N GLY B 10 -5.74 -20.22 -3.11
CA GLY B 10 -5.02 -20.65 -1.93
C GLY B 10 -5.84 -20.41 -0.68
N GLY B 11 -5.21 -19.81 0.33
CA GLY B 11 -5.90 -19.43 1.54
C GLY B 11 -6.35 -20.61 2.38
N GLY B 12 -6.50 -20.42 3.67
CA GLY B 12 -6.92 -21.48 4.56
C GLY B 12 -6.41 -21.23 5.96
N LEU B 13 -6.55 -22.26 6.79
CA LEU B 13 -6.15 -22.23 8.19
C LEU B 13 -4.93 -23.12 8.39
N VAL B 14 -3.90 -22.59 9.02
CA VAL B 14 -2.68 -23.35 9.29
C VAL B 14 -2.17 -22.97 10.69
N GLN B 15 -1.73 -23.97 11.44
CA GLN B 15 -1.17 -23.72 12.75
C GLN B 15 0.17 -23.00 12.61
N PRO B 16 0.64 -22.37 13.69
CA PRO B 16 1.91 -21.64 13.59
C PRO B 16 3.05 -22.55 13.13
N GLY B 17 3.94 -21.99 12.32
CA GLY B 17 5.03 -22.75 11.75
C GLY B 17 4.69 -23.51 10.48
N GLY B 18 3.50 -23.31 9.92
CA GLY B 18 3.10 -23.97 8.70
C GLY B 18 3.59 -23.23 7.47
N SER B 19 3.16 -23.73 6.30
CA SER B 19 3.55 -23.14 5.02
C SER B 19 2.34 -23.10 4.11
N LEU B 20 2.35 -22.14 3.18
CA LEU B 20 1.24 -21.98 2.25
C LEU B 20 1.77 -21.43 0.92
N ARG B 21 0.98 -21.61 -0.13
CA ARG B 21 1.30 -21.10 -1.44
C ARG B 21 0.07 -20.42 -2.03
N LEU B 22 0.23 -19.19 -2.49
CA LEU B 22 -0.85 -18.41 -3.06
C LEU B 22 -0.54 -18.11 -4.53
N SER B 23 -1.48 -18.43 -5.42
CA SER B 23 -1.30 -18.22 -6.85
C SER B 23 -2.26 -17.14 -7.34
N CYS B 24 -1.72 -16.10 -7.94
CA CYS B 24 -2.50 -14.97 -8.43
C CYS B 24 -2.62 -15.07 -9.95
N ALA B 25 -3.61 -15.82 -10.41
CA ALA B 25 -3.83 -15.95 -11.84
C ALA B 25 -4.19 -14.60 -12.45
N VAL B 26 -3.64 -14.34 -13.64
CA VAL B 26 -3.83 -13.07 -14.33
C VAL B 26 -4.29 -13.34 -15.75
N SER B 27 -5.00 -12.38 -16.32
CA SER B 27 -5.48 -12.49 -17.69
C SER B 27 -5.83 -11.10 -18.19
N GLY B 28 -5.95 -10.98 -19.51
CA GLY B 28 -6.29 -9.71 -20.14
C GLY B 28 -5.14 -8.77 -20.34
N ILE B 29 -3.93 -9.11 -19.90
CA ILE B 29 -2.75 -8.29 -20.11
C ILE B 29 -1.61 -9.22 -20.47
N ILE B 30 -0.79 -8.82 -21.44
CA ILE B 30 0.34 -9.66 -21.83
C ILE B 30 1.20 -9.89 -20.59
N PHE B 31 1.30 -11.15 -20.17
CA PHE B 31 1.89 -11.46 -18.87
C PHE B 31 3.26 -10.81 -18.69
N ARG B 32 4.09 -10.76 -19.72
CA ARG B 32 5.28 -9.90 -19.65
C ARG B 32 4.78 -8.46 -19.54
N ASP B 33 4.92 -7.90 -18.35
CA ASP B 33 4.22 -6.65 -18.02
C ASP B 33 4.76 -6.16 -16.68
N ASN B 34 4.19 -5.05 -16.21
CA ASN B 34 4.66 -4.42 -14.98
C ASN B 34 4.76 -5.44 -13.86
N ALA B 35 5.64 -5.15 -12.89
CA ALA B 35 5.80 -6.02 -11.74
C ALA B 35 4.47 -6.27 -11.06
N MET B 36 4.31 -7.49 -10.52
CA MET B 36 3.16 -7.85 -9.71
C MET B 36 3.60 -7.98 -8.26
N GLY B 37 2.84 -7.37 -7.35
CA GLY B 37 3.16 -7.37 -5.94
C GLY B 37 2.03 -7.94 -5.10
N TRP B 38 2.30 -8.06 -3.79
CA TRP B 38 1.34 -8.56 -2.83
C TRP B 38 1.20 -7.58 -1.68
N TYR B 39 -0.03 -7.46 -1.16
CA TYR B 39 -0.34 -6.63 -0.02
C TYR B 39 -1.13 -7.46 0.98
N ARG B 40 -1.08 -7.09 2.26
CA ARG B 40 -1.87 -7.77 3.28
C ARG B 40 -2.51 -6.75 4.20
N GLN B 41 -3.78 -6.95 4.50
CA GLN B 41 -4.54 -6.06 5.37
C GLN B 41 -5.21 -6.87 6.48
N ALA B 42 -5.21 -6.33 7.69
CA ALA B 42 -5.75 -6.99 8.86
C ALA B 42 -6.74 -6.06 9.56
N PRO B 43 -7.66 -6.61 10.35
CA PRO B 43 -8.66 -5.76 11.01
C PRO B 43 -8.02 -4.67 11.84
N GLY B 44 -8.56 -3.46 11.73
CA GLY B 44 -8.00 -2.33 12.43
C GLY B 44 -6.64 -1.92 11.94
N LYS B 45 -6.35 -2.15 10.65
CA LYS B 45 -5.05 -1.81 10.08
C LYS B 45 -5.24 -1.49 8.61
N GLU B 46 -4.24 -0.83 8.02
CA GLU B 46 -4.26 -0.44 6.62
C GLU B 46 -3.44 -1.41 5.78
N ARG B 47 -3.61 -1.30 4.47
CA ARG B 47 -2.85 -2.13 3.55
C ARG B 47 -1.36 -1.86 3.69
N GLU B 48 -0.57 -2.91 3.63
CA GLU B 48 0.88 -2.81 3.62
C GLU B 48 1.45 -3.68 2.52
N TRP B 49 2.63 -3.33 2.05
CA TRP B 49 3.28 -4.04 0.96
C TRP B 49 4.09 -5.21 1.49
N VAL B 50 4.11 -6.30 0.72
CA VAL B 50 4.79 -7.55 1.11
C VAL B 50 6.01 -7.80 0.23
N ALA B 51 5.82 -7.95 -1.08
CA ALA B 51 6.91 -8.28 -1.98
C ALA B 51 6.53 -7.89 -3.40
N THR B 52 7.54 -7.82 -4.27
CA THR B 52 7.30 -7.51 -5.67
C THR B 52 8.37 -8.17 -6.53
N ILE B 53 7.98 -8.57 -7.74
CA ILE B 53 8.87 -9.20 -8.71
C ILE B 53 8.69 -8.50 -10.04
N THR B 54 9.79 -8.17 -10.70
CA THR B 54 9.75 -7.40 -11.93
C THR B 54 9.68 -8.33 -13.15
N ASP B 55 9.58 -7.74 -14.34
CA ASP B 55 9.51 -8.52 -15.56
C ASP B 55 10.80 -9.29 -15.81
N LEU B 56 11.94 -8.71 -15.45
CA LEU B 56 13.21 -9.41 -15.61
C LEU B 56 13.27 -10.63 -14.70
N GLY B 57 12.76 -10.52 -13.47
CA GLY B 57 12.90 -11.55 -12.46
C GLY B 57 13.59 -11.08 -11.19
N TYR B 58 13.90 -9.79 -11.07
CA TYR B 58 14.45 -9.26 -9.83
C TYR B 58 13.34 -9.03 -8.82
N THR B 59 13.62 -9.32 -7.55
CA THR B 59 12.61 -9.33 -6.51
C THR B 59 13.02 -8.43 -5.35
N ALA B 60 12.04 -7.75 -4.76
CA ALA B 60 12.23 -6.94 -3.58
C ALA B 60 11.22 -7.38 -2.52
N TYR B 61 11.64 -7.34 -1.25
CA TYR B 61 10.84 -7.86 -0.15
C TYR B 61 10.75 -6.82 0.95
N ALA B 62 9.63 -6.85 1.67
CA ALA B 62 9.45 -6.01 2.84
C ALA B 62 10.17 -6.62 4.04
N ASP B 63 10.59 -5.75 4.97
CA ASP B 63 11.44 -6.20 6.06
C ASP B 63 10.76 -7.29 6.89
N SER B 64 9.48 -7.11 7.20
CA SER B 64 8.80 -8.04 8.10
C SER B 64 8.80 -9.46 7.54
N VAL B 65 8.68 -9.59 6.21
CA VAL B 65 8.60 -10.90 5.57
C VAL B 65 9.93 -11.36 5.03
N LYS B 66 10.99 -10.57 5.17
CA LYS B 66 12.29 -10.97 4.64
C LYS B 66 12.76 -12.26 5.29
N GLY B 67 13.22 -13.19 4.47
CA GLY B 67 13.68 -14.48 4.94
C GLY B 67 12.59 -15.51 5.16
N ARG B 68 11.33 -15.14 4.99
CA ARG B 68 10.21 -16.07 5.17
C ARG B 68 9.40 -16.26 3.90
N PHE B 69 9.00 -15.17 3.25
CA PHE B 69 8.17 -15.25 2.05
C PHE B 69 9.03 -15.13 0.80
N THR B 70 8.59 -15.82 -0.25
CA THR B 70 9.28 -15.81 -1.54
C THR B 70 8.27 -15.60 -2.65
N ILE B 71 8.65 -14.85 -3.68
CA ILE B 71 7.77 -14.51 -4.79
C ILE B 71 8.41 -14.97 -6.08
N SER B 72 7.63 -15.66 -6.92
CA SER B 72 8.11 -16.21 -8.18
C SER B 72 7.14 -15.86 -9.30
N ARG B 73 7.69 -15.67 -10.49
CA ARG B 73 6.93 -15.31 -11.68
C ARG B 73 7.00 -16.47 -12.67
N ASP B 74 5.87 -16.86 -13.25
CA ASP B 74 5.80 -17.93 -14.24
C ASP B 74 5.08 -17.40 -15.47
N ASN B 75 5.80 -17.31 -16.58
CA ASN B 75 5.21 -16.84 -17.84
C ASN B 75 4.39 -17.93 -18.52
N ALA B 76 4.84 -19.18 -18.43
CA ALA B 76 4.11 -20.26 -19.11
C ALA B 76 2.70 -20.39 -18.57
N LYS B 77 2.54 -20.33 -17.25
CA LYS B 77 1.22 -20.39 -16.63
C LYS B 77 0.56 -19.02 -16.50
N ASP B 78 1.29 -17.94 -16.77
CA ASP B 78 0.78 -16.58 -16.58
C ASP B 78 0.34 -16.37 -15.14
N THR B 79 1.23 -16.67 -14.20
CA THR B 79 0.88 -16.66 -12.79
C THR B 79 2.03 -16.12 -11.96
N VAL B 80 1.70 -15.64 -10.76
CA VAL B 80 2.68 -15.25 -9.74
C VAL B 80 2.37 -16.03 -8.48
N TYR B 81 3.41 -16.63 -7.90
CA TYR B 81 3.27 -17.49 -6.73
C TYR B 81 3.98 -16.87 -5.54
N LEU B 82 3.28 -16.81 -4.40
CA LEU B 82 3.84 -16.38 -3.13
C LEU B 82 3.90 -17.59 -2.21
N GLN B 83 5.11 -18.03 -1.90
CA GLN B 83 5.35 -19.08 -0.91
C GLN B 83 5.59 -18.44 0.45
N MET B 84 4.93 -18.97 1.47
CA MET B 84 5.01 -18.44 2.82
C MET B 84 5.39 -19.56 3.79
N ASN B 85 6.32 -19.26 4.69
CA ASN B 85 6.82 -20.21 5.67
C ASN B 85 6.93 -19.54 7.02
N SER B 86 6.86 -20.35 8.08
CA SER B 86 6.97 -19.86 9.45
C SER B 86 5.91 -18.80 9.74
N LEU B 87 4.70 -19.03 9.25
CA LEU B 87 3.63 -18.08 9.46
C LEU B 87 3.32 -17.93 10.94
N GLU B 88 2.98 -16.72 11.36
CA GLU B 88 2.73 -16.37 12.74
C GLU B 88 1.39 -15.67 12.86
N PRO B 89 0.83 -15.61 14.07
CA PRO B 89 -0.48 -14.97 14.22
C PRO B 89 -0.53 -13.55 13.68
N GLU B 90 0.56 -12.80 13.82
CA GLU B 90 0.60 -11.46 13.25
C GLU B 90 0.44 -11.48 11.73
N ASP B 91 0.69 -12.62 11.09
CA ASP B 91 0.59 -12.76 9.64
C ASP B 91 -0.82 -13.10 9.18
N THR B 92 -1.79 -13.21 10.08
CA THR B 92 -3.17 -13.43 9.69
C THR B 92 -3.74 -12.17 9.04
N ALA B 93 -4.30 -12.31 7.84
CA ALA B 93 -4.82 -11.16 7.13
C ALA B 93 -5.50 -11.57 5.82
N VAL B 94 -6.01 -10.59 5.09
CA VAL B 94 -6.47 -10.79 3.71
C VAL B 94 -5.37 -10.30 2.79
N TYR B 95 -4.96 -11.15 1.84
CA TYR B 95 -3.85 -10.87 0.95
C TYR B 95 -4.39 -10.54 -0.44
N TYR B 96 -3.98 -9.38 -0.96
CA TYR B 96 -4.37 -8.89 -2.26
C TYR B 96 -3.20 -8.93 -3.22
N CYS B 97 -3.51 -9.03 -4.51
CA CYS B 97 -2.53 -9.16 -5.58
C CYS B 97 -2.53 -7.88 -6.40
N HIS B 98 -1.60 -6.97 -6.09
CA HIS B 98 -1.51 -5.69 -6.78
C HIS B 98 -0.75 -5.82 -8.08
N LEU B 99 -1.11 -4.97 -9.05
CA LEU B 99 -0.49 -4.93 -10.37
C LEU B 99 0.02 -3.52 -10.60
N PRO B 100 1.12 -3.15 -9.95
CA PRO B 100 1.64 -1.78 -10.11
C PRO B 100 1.96 -1.48 -11.57
N GLY B 101 2.18 -0.21 -11.85
CA GLY B 101 2.28 0.27 -13.21
C GLY B 101 0.91 0.52 -13.79
N THR B 102 0.90 1.18 -14.95
CA THR B 102 -0.34 1.58 -15.60
C THR B 102 -1.21 2.38 -14.60
N ALA B 103 -0.69 3.54 -14.24
CA ALA B 103 -1.28 4.32 -13.16
C ALA B 103 -2.75 4.62 -13.39
N ALA B 104 -3.20 4.63 -14.65
CA ALA B 104 -4.62 4.82 -14.92
C ALA B 104 -5.44 3.76 -14.21
N GLY B 105 -5.02 2.50 -14.29
CA GLY B 105 -5.67 1.43 -13.56
C GLY B 105 -4.70 0.58 -12.75
N ASP B 106 -4.81 0.63 -11.43
CA ASP B 106 -4.06 -0.29 -10.58
C ASP B 106 -4.70 -1.66 -10.55
N TYR B 107 -6.02 -1.72 -10.67
CA TYR B 107 -6.76 -2.98 -10.80
C TYR B 107 -6.35 -3.98 -9.70
N TRP B 108 -6.69 -3.60 -8.47
CA TRP B 108 -6.50 -4.49 -7.33
C TRP B 108 -7.33 -5.76 -7.52
N GLY B 109 -7.03 -6.75 -6.68
CA GLY B 109 -7.82 -7.96 -6.65
C GLY B 109 -8.70 -8.02 -5.41
N LYS B 110 -9.68 -8.92 -5.41
CA LYS B 110 -10.55 -9.04 -4.23
C LYS B 110 -9.75 -9.46 -3.00
N GLY B 111 -8.84 -10.40 -3.16
CA GLY B 111 -8.01 -10.88 -2.07
C GLY B 111 -8.49 -12.21 -1.53
N THR B 112 -7.62 -12.87 -0.78
CA THR B 112 -7.95 -14.14 -0.15
C THR B 112 -7.62 -14.07 1.34
N PRO B 113 -8.50 -14.58 2.20
CA PRO B 113 -8.22 -14.51 3.64
C PRO B 113 -7.45 -15.71 4.15
N VAL B 114 -6.33 -15.48 4.84
CA VAL B 114 -5.53 -16.54 5.44
C VAL B 114 -5.36 -16.21 6.91
N THR B 115 -5.63 -17.20 7.77
CA THR B 115 -5.55 -17.03 9.20
C THR B 115 -4.76 -18.17 9.81
N VAL B 116 -3.88 -17.83 10.76
CA VAL B 116 -3.10 -18.81 11.50
C VAL B 116 -3.36 -18.58 12.98
N SER B 117 -3.84 -19.62 13.65
CA SER B 117 -4.22 -19.54 15.06
C SER B 117 -3.87 -20.84 15.75
N SER B 118 -3.94 -20.82 17.08
CA SER B 118 -3.50 -21.94 17.90
C SER B 118 -4.51 -23.08 17.78
N LEU B 119 -4.41 -23.82 16.67
CA LEU B 119 -5.14 -25.05 16.46
C LEU B 119 -6.61 -24.91 16.84
N GLU B 120 -7.30 -24.05 16.11
CA GLU B 120 -8.76 -24.08 16.15
C GLU B 120 -9.23 -25.41 15.57
N VAL B 121 -10.21 -26.03 16.23
CA VAL B 121 -10.66 -27.36 15.84
C VAL B 121 -10.88 -27.37 14.33
N LEU B 122 -10.22 -28.31 13.65
CA LEU B 122 -10.10 -28.27 12.21
C LEU B 122 -11.43 -28.60 11.54
N PHE B 123 -11.40 -28.66 10.21
CA PHE B 123 -12.60 -28.86 9.42
C PHE B 123 -13.42 -30.03 9.94
N GLN B 124 -14.72 -29.99 9.63
CA GLN B 124 -15.63 -31.07 9.98
C GLN B 124 -15.82 -31.99 8.78
N GLY B 125 -14.74 -32.70 8.46
CA GLY B 125 -14.73 -33.62 7.33
C GLY B 125 -15.65 -34.80 7.55
N GLU C 4 -6.45 7.80 14.60
CA GLU C 4 -7.03 9.06 14.05
C GLU C 4 -8.37 8.78 13.37
N VAL C 5 -8.54 7.56 12.87
CA VAL C 5 -9.76 7.21 12.15
C VAL C 5 -10.95 7.41 13.06
N GLN C 6 -11.99 8.06 12.54
CA GLN C 6 -13.20 8.29 13.33
C GLN C 6 -14.36 8.54 12.39
N LEU C 7 -15.57 8.39 12.94
CA LEU C 7 -16.80 8.68 12.23
C LEU C 7 -17.69 9.54 13.14
N VAL C 8 -18.46 10.43 12.52
CA VAL C 8 -19.29 11.39 13.25
C VAL C 8 -20.71 11.34 12.69
N GLU C 9 -21.69 11.31 13.58
CA GLU C 9 -23.10 11.22 13.21
C GLU C 9 -23.77 12.58 13.34
N SER C 10 -24.85 12.77 12.57
CA SER C 10 -25.61 14.00 12.62
C SER C 10 -26.98 13.76 12.01
N GLY C 11 -27.95 14.58 12.42
CA GLY C 11 -29.28 14.52 11.86
C GLY C 11 -30.36 14.10 12.83
N GLY C 12 -30.02 13.93 14.11
CA GLY C 12 -31.01 13.54 15.08
C GLY C 12 -32.02 14.63 15.36
N GLY C 13 -33.20 14.22 15.79
CA GLY C 13 -34.26 15.17 16.10
C GLY C 13 -35.57 14.45 16.34
N LEU C 14 -36.62 15.26 16.44
CA LEU C 14 -37.98 14.75 16.67
C LEU C 14 -38.73 14.73 15.34
N VAL C 15 -39.26 13.56 14.98
CA VAL C 15 -40.00 13.38 13.74
C VAL C 15 -41.29 12.64 14.06
N GLN C 16 -42.43 13.22 13.65
CA GLN C 16 -43.71 12.59 13.89
C GLN C 16 -43.91 11.41 12.95
N PRO C 17 -44.83 10.51 13.28
CA PRO C 17 -45.07 9.36 12.41
C PRO C 17 -45.41 9.79 10.99
N GLY C 18 -44.85 9.08 10.02
CA GLY C 18 -44.97 9.43 8.61
C GLY C 18 -43.88 10.38 8.15
N GLY C 19 -43.54 11.36 8.97
CA GLY C 19 -42.51 12.32 8.62
C GLY C 19 -41.18 11.65 8.34
N SER C 20 -40.52 12.05 7.25
CA SER C 20 -39.26 11.44 6.86
C SER C 20 -38.10 12.10 7.60
N LEU C 21 -36.93 11.48 7.48
CA LEU C 21 -35.74 11.99 8.15
C LEU C 21 -34.51 11.49 7.41
N ARG C 22 -33.39 12.18 7.66
CA ARG C 22 -32.12 11.84 7.04
C ARG C 22 -31.01 11.91 8.07
N LEU C 23 -30.19 10.87 8.12
CA LEU C 23 -29.02 10.82 8.99
C LEU C 23 -27.77 10.73 8.12
N SER C 24 -26.68 11.31 8.60
CA SER C 24 -25.42 11.32 7.86
C SER C 24 -24.27 10.88 8.75
N CYS C 25 -23.35 10.10 8.18
CA CYS C 25 -22.15 9.65 8.87
C CYS C 25 -20.96 10.05 8.02
N ALA C 26 -20.01 10.78 8.60
CA ALA C 26 -18.84 11.27 7.91
C ALA C 26 -17.57 10.81 8.64
N ALA C 27 -16.55 10.44 7.88
CA ALA C 27 -15.33 9.89 8.43
C ALA C 27 -14.11 10.58 7.82
N SER C 28 -13.02 10.60 8.59
CA SER C 28 -11.78 11.24 8.15
C SER C 28 -10.61 10.51 8.77
N GLY C 29 -9.72 9.98 7.94
CA GLY C 29 -8.54 9.28 8.43
C GLY C 29 -8.13 8.08 7.61
N PHE C 30 -8.93 7.71 6.61
CA PHE C 30 -8.64 6.52 5.82
C PHE C 30 -9.14 6.71 4.40
N ASN C 31 -8.61 5.89 3.49
CA ASN C 31 -9.10 5.87 2.11
C ASN C 31 -10.50 5.28 2.08
N PHE C 32 -11.42 6.00 1.44
CA PHE C 32 -12.83 5.68 1.55
C PHE C 32 -13.28 4.52 0.69
N SER C 33 -12.44 4.06 -0.26
CA SER C 33 -12.86 3.01 -1.19
C SER C 33 -12.43 1.62 -0.75
N TYR C 34 -11.65 1.49 0.32
CA TYR C 34 -11.19 0.20 0.79
C TYR C 34 -12.11 -0.43 1.84
N TYR C 35 -13.21 0.23 2.20
CA TYR C 35 -14.03 -0.19 3.32
C TYR C 35 -15.50 -0.05 2.97
N SER C 36 -16.34 -0.52 3.89
CA SER C 36 -17.79 -0.43 3.78
C SER C 36 -18.33 0.16 5.07
N ILE C 37 -19.51 0.77 4.98
CA ILE C 37 -20.14 1.47 6.10
C ILE C 37 -21.45 0.78 6.43
N HIS C 38 -21.63 0.47 7.72
CA HIS C 38 -22.80 -0.23 8.22
C HIS C 38 -23.57 0.66 9.19
N TRP C 39 -24.90 0.63 9.08
CA TRP C 39 -25.81 1.31 9.98
C TRP C 39 -26.50 0.28 10.86
N VAL C 40 -26.35 0.45 12.18
CA VAL C 40 -26.85 -0.47 13.19
C VAL C 40 -27.71 0.30 14.17
N ARG C 41 -28.69 -0.39 14.76
CA ARG C 41 -29.69 0.22 15.63
C ARG C 41 -29.65 -0.39 17.02
N GLN C 42 -29.87 0.44 18.04
CA GLN C 42 -29.98 -0.01 19.42
C GLN C 42 -31.28 0.54 19.99
N ALA C 43 -32.25 -0.33 20.22
CA ALA C 43 -33.54 0.07 20.75
C ALA C 43 -33.35 0.71 22.12
N PRO C 44 -34.40 1.32 22.70
CA PRO C 44 -34.20 1.97 24.01
C PRO C 44 -33.68 1.05 25.09
N GLY C 45 -34.13 -0.20 25.13
CA GLY C 45 -33.72 -1.11 26.18
C GLY C 45 -33.48 -2.53 25.72
N LYS C 46 -33.03 -2.71 24.48
CA LYS C 46 -32.82 -4.04 23.91
C LYS C 46 -31.43 -4.10 23.27
N GLY C 47 -31.14 -5.24 22.66
CA GLY C 47 -29.84 -5.47 22.08
C GLY C 47 -29.67 -4.84 20.70
N LEU C 48 -28.44 -4.89 20.22
CA LEU C 48 -28.10 -4.27 18.94
C LEU C 48 -28.80 -5.00 17.79
N GLU C 49 -29.13 -4.24 16.75
CA GLU C 49 -29.79 -4.78 15.57
C GLU C 49 -29.18 -4.14 14.33
N TRP C 50 -28.80 -4.97 13.36
CA TRP C 50 -28.17 -4.49 12.15
C TRP C 50 -29.23 -4.05 11.16
N VAL C 51 -29.05 -2.85 10.59
CA VAL C 51 -30.04 -2.23 9.71
C VAL C 51 -29.61 -2.34 8.24
N ALA C 52 -28.46 -1.79 7.89
CA ALA C 52 -28.09 -1.79 6.48
C ALA C 52 -26.59 -1.58 6.32
N TYR C 53 -26.12 -1.71 5.07
CA TYR C 53 -24.72 -1.42 4.76
C TYR C 53 -24.58 -1.04 3.30
N ILE C 54 -23.51 -0.30 3.01
CA ILE C 54 -23.17 0.13 1.66
C ILE C 54 -21.65 0.15 1.52
N SER C 55 -21.17 -0.32 0.37
CA SER C 55 -19.78 -0.15 -0.02
C SER C 55 -19.71 0.90 -1.13
N SER C 56 -18.58 1.61 -1.19
CA SER C 56 -18.44 2.74 -2.11
C SER C 56 -19.10 2.44 -3.44
N SER C 57 -18.83 1.27 -4.01
CA SER C 57 -19.50 0.83 -5.23
C SER C 57 -21.00 0.74 -4.96
N SER C 58 -21.79 1.59 -5.64
CA SER C 58 -23.22 1.64 -5.37
C SER C 58 -23.92 0.32 -5.67
N SER C 59 -23.28 -0.55 -6.45
CA SER C 59 -23.87 -1.86 -6.71
C SER C 59 -23.89 -2.75 -5.48
N TYR C 60 -23.18 -2.38 -4.42
CA TYR C 60 -23.11 -3.16 -3.19
C TYR C 60 -23.89 -2.44 -2.10
N THR C 61 -25.10 -2.90 -1.85
CA THR C 61 -25.94 -2.37 -0.78
C THR C 61 -26.76 -3.50 -0.20
N SER C 62 -27.12 -3.39 1.07
CA SER C 62 -27.99 -4.39 1.67
C SER C 62 -28.76 -3.78 2.83
N TYR C 63 -29.98 -4.31 3.05
CA TYR C 63 -30.87 -3.83 4.10
C TYR C 63 -31.41 -5.01 4.89
N ALA C 64 -31.76 -4.76 6.14
CA ALA C 64 -32.37 -5.78 6.98
C ALA C 64 -33.81 -6.03 6.56
N ASP C 65 -34.32 -7.22 6.91
CA ASP C 65 -35.65 -7.59 6.49
C ASP C 65 -36.71 -6.67 7.07
N SER C 66 -36.61 -6.36 8.37
CA SER C 66 -37.63 -5.54 9.02
C SER C 66 -37.62 -4.10 8.54
N VAL C 67 -36.59 -3.67 7.82
CA VAL C 67 -36.47 -2.30 7.34
C VAL C 67 -36.41 -2.24 5.82
N LYS C 68 -36.43 -3.36 5.13
CA LYS C 68 -36.35 -3.36 3.68
C LYS C 68 -37.56 -2.68 3.07
N GLY C 69 -37.32 -1.81 2.10
CA GLY C 69 -38.38 -1.11 1.40
C GLY C 69 -38.74 0.24 1.97
N ARG C 70 -38.12 0.67 3.07
CA ARG C 70 -38.44 1.95 3.69
C ARG C 70 -37.23 2.82 3.98
N PHE C 71 -36.03 2.27 4.08
CA PHE C 71 -34.81 3.03 4.26
C PHE C 71 -33.97 2.94 3.01
N THR C 72 -33.35 4.06 2.62
CA THR C 72 -32.49 4.10 1.44
C THR C 72 -31.16 4.71 1.84
N ILE C 73 -30.07 4.08 1.40
CA ILE C 73 -28.73 4.44 1.84
C ILE C 73 -27.90 4.81 0.61
N SER C 74 -27.03 5.81 0.78
CA SER C 74 -26.16 6.25 -0.31
C SER C 74 -24.91 6.86 0.30
N ALA C 75 -23.95 7.18 -0.57
CA ALA C 75 -22.72 7.81 -0.13
C ALA C 75 -22.12 8.61 -1.28
N ASP C 76 -21.23 9.53 -0.92
CA ASP C 76 -20.56 10.38 -1.91
C ASP C 76 -19.09 10.04 -2.00
N THR C 77 -18.63 9.75 -3.21
CA THR C 77 -17.22 9.42 -3.41
C THR C 77 -16.32 10.60 -3.09
N SER C 78 -16.69 11.79 -3.57
CA SER C 78 -15.86 12.97 -3.41
C SER C 78 -15.74 13.37 -1.96
N LYS C 79 -16.88 13.69 -1.32
CA LYS C 79 -16.92 13.96 0.11
C LYS C 79 -17.29 12.68 0.84
N ASN C 80 -16.47 12.32 1.83
CA ASN C 80 -16.63 11.06 2.56
C ASN C 80 -17.86 11.19 3.47
N THR C 81 -19.03 11.07 2.87
CA THR C 81 -20.29 11.11 3.61
C THR C 81 -21.17 9.95 3.18
N ALA C 82 -21.94 9.43 4.14
CA ALA C 82 -22.84 8.30 3.93
C ALA C 82 -24.19 8.69 4.51
N TYR C 83 -25.17 8.89 3.63
CA TYR C 83 -26.50 9.28 4.03
C TYR C 83 -27.44 8.08 4.13
N LEU C 84 -28.40 8.18 5.03
CA LEU C 84 -29.44 7.17 5.26
C LEU C 84 -30.75 7.94 5.42
N GLN C 85 -31.62 7.84 4.43
CA GLN C 85 -32.89 8.53 4.42
C GLN C 85 -33.99 7.52 4.71
N MET C 86 -34.78 7.77 5.75
CA MET C 86 -35.82 6.88 6.21
C MET C 86 -37.14 7.63 6.23
N ASN C 87 -38.13 7.10 5.51
CA ASN C 87 -39.45 7.70 5.43
C ASN C 87 -40.50 6.67 5.83
N SER C 88 -41.73 7.14 5.99
CA SER C 88 -42.83 6.29 6.44
C SER C 88 -42.50 5.65 7.78
N LEU C 89 -41.96 6.45 8.70
CA LEU C 89 -41.51 5.92 9.98
C LEU C 89 -42.68 5.32 10.75
N ARG C 90 -42.35 4.64 11.85
CA ARG C 90 -43.32 3.93 12.66
C ARG C 90 -43.05 4.26 14.13
N ALA C 91 -43.87 3.69 15.00
CA ALA C 91 -43.75 3.99 16.43
C ALA C 91 -42.56 3.29 17.07
N GLU C 92 -42.17 2.12 16.57
CA GLU C 92 -41.10 1.34 17.19
C GLU C 92 -39.72 1.66 16.65
N ASP C 93 -39.60 2.63 15.75
CA ASP C 93 -38.30 3.03 15.20
C ASP C 93 -37.60 4.07 16.07
N THR C 94 -38.01 4.20 17.33
CA THR C 94 -37.29 5.05 18.28
C THR C 94 -36.09 4.27 18.79
N ALA C 95 -34.89 4.82 18.64
CA ALA C 95 -33.68 4.08 18.98
C ALA C 95 -32.48 5.03 18.93
N VAL C 96 -31.29 4.45 19.05
CA VAL C 96 -30.04 5.15 18.83
C VAL C 96 -29.30 4.47 17.68
N TYR C 97 -28.85 5.26 16.71
CA TYR C 97 -28.26 4.74 15.49
C TYR C 97 -26.75 4.95 15.50
N TYR C 98 -26.01 3.90 15.13
CA TYR C 98 -24.56 3.92 15.01
C TYR C 98 -24.16 3.61 13.57
N CYS C 99 -23.03 4.18 13.16
CA CYS C 99 -22.36 3.79 11.92
C CYS C 99 -21.01 3.20 12.26
N ALA C 100 -20.66 2.12 11.57
CA ALA C 100 -19.42 1.39 11.83
C ALA C 100 -18.75 1.03 10.52
N ARG C 101 -17.45 0.77 10.59
CA ARG C 101 -16.64 0.49 9.41
C ARG C 101 -16.32 -1.00 9.34
N GLY C 102 -16.26 -1.54 8.12
CA GLY C 102 -15.98 -2.95 7.95
C GLY C 102 -14.98 -3.26 6.84
N TYR C 103 -15.21 -4.37 6.14
CA TYR C 103 -14.37 -4.81 5.04
C TYR C 103 -15.09 -4.58 3.72
N GLN C 104 -14.32 -4.29 2.68
CA GLN C 104 -14.92 -3.95 1.39
C GLN C 104 -15.74 -5.09 0.83
N TYR C 105 -15.23 -6.31 0.90
CA TYR C 105 -15.95 -7.50 0.47
C TYR C 105 -16.02 -8.44 1.67
N TRP C 106 -17.01 -8.23 2.53
CA TRP C 106 -17.23 -9.14 3.65
C TRP C 106 -18.10 -10.32 3.26
N GLN C 107 -18.98 -10.14 2.27
CA GLN C 107 -19.73 -11.28 1.73
C GLN C 107 -18.79 -12.25 1.04
N TYR C 108 -17.77 -11.73 0.35
CA TYR C 108 -16.81 -12.60 -0.33
C TYR C 108 -15.93 -13.34 0.69
N HIS C 109 -15.46 -12.63 1.72
CA HIS C 109 -14.58 -13.20 2.73
C HIS C 109 -15.41 -13.67 3.93
N ALA C 110 -16.21 -14.70 3.69
CA ALA C 110 -17.08 -15.27 4.71
C ALA C 110 -16.97 -16.78 4.63
N SER C 111 -16.15 -17.37 5.50
CA SER C 111 -15.94 -18.80 5.55
C SER C 111 -16.03 -19.26 6.99
N TRP C 112 -15.93 -20.58 7.20
CA TRP C 112 -16.06 -21.13 8.54
C TRP C 112 -14.85 -20.84 9.44
N TYR C 113 -13.90 -20.01 9.02
CA TYR C 113 -12.77 -19.66 9.87
C TYR C 113 -12.42 -18.18 9.85
N TRP C 114 -12.96 -17.39 8.92
CA TRP C 114 -12.65 -15.97 8.81
C TRP C 114 -13.90 -15.14 9.04
N ASN C 115 -13.78 -14.14 9.91
CA ASN C 115 -14.88 -13.20 10.16
C ASN C 115 -14.23 -11.89 10.64
N GLY C 116 -14.12 -10.92 9.74
CA GLY C 116 -13.37 -9.71 10.06
C GLY C 116 -13.99 -8.91 11.18
N GLY C 117 -15.30 -8.69 11.13
CA GLY C 117 -15.98 -7.88 12.11
C GLY C 117 -15.92 -6.40 11.79
N LEU C 118 -16.52 -5.62 12.68
CA LEU C 118 -16.57 -4.17 12.56
C LEU C 118 -15.75 -3.56 13.69
N ASP C 119 -14.78 -2.72 13.34
CA ASP C 119 -13.76 -2.29 14.29
C ASP C 119 -14.01 -0.90 14.87
N TYR C 120 -14.35 0.08 14.04
CA TYR C 120 -14.53 1.45 14.48
C TYR C 120 -16.01 1.81 14.50
N TRP C 121 -16.47 2.39 15.61
CA TRP C 121 -17.87 2.71 15.83
C TRP C 121 -18.04 4.20 16.09
N GLY C 122 -19.09 4.77 15.50
CA GLY C 122 -19.43 6.15 15.78
C GLY C 122 -20.22 6.29 17.08
N GLN C 123 -20.26 7.52 17.59
CA GLN C 123 -20.95 7.76 18.85
C GLN C 123 -22.43 7.46 18.74
N GLY C 124 -23.04 7.83 17.63
CA GLY C 124 -24.43 7.50 17.37
C GLY C 124 -25.38 8.61 17.80
N THR C 125 -26.54 8.66 17.15
CA THR C 125 -27.51 9.73 17.38
C THR C 125 -28.87 9.16 17.71
N LEU C 126 -29.64 9.90 18.49
CA LEU C 126 -30.92 9.45 19.00
C LEU C 126 -32.05 9.88 18.08
N VAL C 127 -32.92 8.94 17.72
CA VAL C 127 -34.08 9.20 16.88
C VAL C 127 -35.33 8.83 17.66
N THR C 128 -36.27 9.75 17.75
CA THR C 128 -37.51 9.58 18.48
C THR C 128 -38.69 9.85 17.57
N VAL C 129 -39.72 9.02 17.68
CA VAL C 129 -40.93 9.14 16.87
C VAL C 129 -42.12 9.15 17.80
N SER C 130 -42.96 10.18 17.70
CA SER C 130 -44.13 10.33 18.54
C SER C 130 -44.96 11.49 18.00
N SER C 131 -46.10 11.73 18.64
CA SER C 131 -47.05 12.74 18.21
C SER C 131 -47.55 13.55 19.41
N ALA C 132 -46.62 14.00 20.25
CA ALA C 132 -46.97 14.79 21.43
C ALA C 132 -46.01 15.96 21.56
N SER C 133 -46.55 17.11 21.95
CA SER C 133 -45.78 18.33 22.13
C SER C 133 -45.37 18.49 23.59
N THR C 134 -44.44 19.41 23.82
CA THR C 134 -43.89 19.58 25.16
C THR C 134 -45.01 19.88 26.16
N LYS C 135 -44.95 19.21 27.30
CA LYS C 135 -45.92 19.37 28.37
C LYS C 135 -45.20 19.73 29.66
N GLY C 136 -45.98 20.03 30.69
CA GLY C 136 -45.45 20.40 31.98
C GLY C 136 -45.56 19.26 32.98
N PRO C 137 -44.43 18.82 33.53
CA PRO C 137 -44.49 17.81 34.59
C PRO C 137 -45.31 18.29 35.77
N SER C 138 -46.09 17.38 36.34
CA SER C 138 -46.89 17.66 37.53
C SER C 138 -46.46 16.72 38.64
N VAL C 139 -46.18 17.28 39.80
CA VAL C 139 -45.58 16.55 40.92
C VAL C 139 -46.62 16.34 42.01
N PHE C 140 -46.67 15.13 42.55
CA PHE C 140 -47.55 14.79 43.65
C PHE C 140 -46.73 14.15 44.77
N PRO C 141 -47.02 14.50 46.02
CA PRO C 141 -46.26 13.91 47.13
C PRO C 141 -46.71 12.49 47.42
N LEU C 142 -45.89 11.78 48.19
CA LEU C 142 -46.22 10.46 48.69
C LEU C 142 -46.30 10.53 50.21
N ALA C 143 -47.47 10.21 50.75
CA ALA C 143 -47.72 10.40 52.17
C ALA C 143 -46.99 9.31 52.97
N PRO C 144 -46.10 9.67 53.90
CA PRO C 144 -45.53 8.65 54.79
C PRO C 144 -46.59 8.11 55.74
N SER C 145 -46.96 6.85 55.57
CA SER C 145 -48.02 6.27 56.39
C SER C 145 -47.67 6.36 57.87
N SER C 146 -48.66 6.67 58.69
CA SER C 146 -48.44 6.88 60.11
C SER C 146 -47.69 5.70 60.72
N LYS C 147 -48.28 4.52 60.69
CA LYS C 147 -47.64 3.31 61.19
C LYS C 147 -47.91 2.13 60.25
N SER C 148 -47.75 2.37 58.95
CA SER C 148 -47.79 1.30 57.95
C SER C 148 -46.46 1.20 57.24
N THR C 149 -45.38 1.54 57.93
CA THR C 149 -44.02 1.50 57.40
C THR C 149 -43.12 0.80 58.40
N SER C 150 -41.89 0.52 57.97
CA SER C 150 -40.94 -0.09 58.88
C SER C 150 -40.66 0.83 60.05
N GLY C 151 -40.58 0.26 61.26
CA GLY C 151 -40.37 1.08 62.44
C GLY C 151 -39.05 1.84 62.38
N GLY C 152 -37.99 1.17 61.98
CA GLY C 152 -36.68 1.82 61.89
C GLY C 152 -36.54 2.73 60.70
N THR C 153 -37.15 2.37 59.57
CA THR C 153 -36.96 3.07 58.31
C THR C 153 -38.26 3.73 57.87
N ALA C 154 -38.16 4.99 57.45
CA ALA C 154 -39.28 5.72 56.89
C ALA C 154 -39.00 6.08 55.44
N ALA C 155 -40.07 6.29 54.67
CA ALA C 155 -39.98 6.50 53.23
C ALA C 155 -40.71 7.76 52.81
N LEU C 156 -40.11 8.50 51.88
CA LEU C 156 -40.69 9.70 51.30
C LEU C 156 -40.50 9.64 49.79
N GLY C 157 -41.32 10.37 49.05
CA GLY C 157 -41.17 10.37 47.60
C GLY C 157 -42.07 11.38 46.92
N CYS C 158 -41.69 11.71 45.68
CA CYS C 158 -42.47 12.56 44.81
C CYS C 158 -42.63 11.90 43.45
N LEU C 159 -43.82 12.05 42.87
CA LEU C 159 -44.19 11.40 41.62
C LEU C 159 -44.41 12.47 40.55
N VAL C 160 -43.65 12.39 39.47
CA VAL C 160 -43.78 13.31 38.34
C VAL C 160 -44.57 12.59 37.25
N LYS C 161 -45.81 13.01 37.01
CA LYS C 161 -46.72 12.16 36.26
C LYS C 161 -46.52 12.27 34.74
N ASP C 162 -46.77 13.45 34.18
CA ASP C 162 -46.91 13.58 32.73
C ASP C 162 -45.99 14.65 32.18
N TYR C 163 -45.19 14.30 31.17
CA TYR C 163 -44.30 15.22 30.51
C TYR C 163 -43.75 14.54 29.26
N PHE C 164 -43.73 15.27 28.14
CA PHE C 164 -43.26 14.66 26.90
C PHE C 164 -41.74 14.55 26.82
N PRO C 165 -41.01 15.66 26.87
CA PRO C 165 -39.58 15.59 26.53
C PRO C 165 -38.81 14.67 27.46
N GLU C 166 -37.78 14.05 26.91
CA GLU C 166 -37.12 12.93 27.59
C GLU C 166 -36.55 13.31 28.96
N PRO C 167 -35.79 14.40 29.12
CA PRO C 167 -35.07 14.60 30.38
C PRO C 167 -35.85 15.35 31.44
N VAL C 168 -35.63 14.95 32.69
CA VAL C 168 -36.16 15.64 33.87
C VAL C 168 -35.12 15.52 34.97
N THR C 169 -34.99 16.56 35.79
CA THR C 169 -34.03 16.57 36.88
C THR C 169 -34.77 16.63 38.21
N VAL C 170 -34.34 15.80 39.17
CA VAL C 170 -34.97 15.70 40.48
C VAL C 170 -33.92 15.86 41.55
N SER C 171 -34.27 16.55 42.64
CA SER C 171 -33.35 16.74 43.75
C SER C 171 -34.15 16.91 45.03
N TRP C 172 -33.47 16.73 46.16
CA TRP C 172 -34.09 16.80 47.48
C TRP C 172 -33.35 17.79 48.36
N ASN C 173 -34.09 18.64 49.05
CA ASN C 173 -33.54 19.64 49.96
C ASN C 173 -32.36 20.37 49.32
N SER C 174 -32.67 21.10 48.26
CA SER C 174 -31.70 21.91 47.54
C SER C 174 -30.58 21.06 46.92
N GLY C 175 -30.84 19.78 46.69
CA GLY C 175 -29.83 18.92 46.12
C GLY C 175 -28.70 18.56 47.06
N ALA C 176 -28.93 18.66 48.37
CA ALA C 176 -27.90 18.34 49.35
C ALA C 176 -27.98 16.87 49.79
N LEU C 177 -29.14 16.46 50.31
CA LEU C 177 -29.28 15.09 50.78
C LEU C 177 -29.11 14.10 49.64
N THR C 178 -28.34 13.05 49.88
CA THR C 178 -28.15 12.00 48.89
C THR C 178 -28.11 10.61 49.54
N SER C 179 -28.62 10.46 50.75
CA SER C 179 -28.53 9.21 51.50
C SER C 179 -29.69 8.32 51.10
N GLY C 180 -29.44 7.37 50.20
CA GLY C 180 -30.44 6.40 49.80
C GLY C 180 -31.42 6.87 48.75
N VAL C 181 -31.27 8.08 48.23
CA VAL C 181 -32.20 8.56 47.21
C VAL C 181 -32.11 7.67 45.99
N HIS C 182 -33.28 7.26 45.49
CA HIS C 182 -33.38 6.46 44.28
C HIS C 182 -34.30 7.17 43.30
N THR C 183 -33.87 7.27 42.05
CA THR C 183 -34.67 7.87 40.98
C THR C 183 -34.82 6.83 39.88
N PHE C 184 -35.95 6.13 39.87
CA PHE C 184 -36.15 5.05 38.92
C PHE C 184 -36.23 5.61 37.50
N PRO C 185 -35.87 4.81 36.50
CA PRO C 185 -35.95 5.29 35.12
C PRO C 185 -37.38 5.60 34.72
N ALA C 186 -37.53 6.57 33.83
CA ALA C 186 -38.84 6.94 33.32
C ALA C 186 -39.45 5.78 32.53
N VAL C 187 -40.77 5.73 32.52
CA VAL C 187 -41.52 4.69 31.84
C VAL C 187 -42.54 5.36 30.91
N LEU C 188 -42.71 4.79 29.73
CA LEU C 188 -43.63 5.34 28.74
C LEU C 188 -45.05 4.88 29.05
N GLN C 189 -45.93 5.82 29.34
CA GLN C 189 -47.33 5.49 29.60
C GLN C 189 -48.07 5.29 28.29
N SER C 190 -49.28 4.73 28.39
CA SER C 190 -50.10 4.51 27.21
C SER C 190 -50.44 5.83 26.53
N SER C 191 -50.65 6.89 27.31
CA SER C 191 -50.99 8.19 26.76
C SER C 191 -49.85 8.80 25.94
N GLY C 192 -48.64 8.25 26.04
CA GLY C 192 -47.50 8.80 25.32
C GLY C 192 -46.66 9.76 26.13
N LEU C 193 -46.91 9.88 27.43
CA LEU C 193 -46.17 10.77 28.30
C LEU C 193 -45.42 9.94 29.34
N TYR C 194 -44.22 10.39 29.70
CA TYR C 194 -43.39 9.66 30.64
C TYR C 194 -43.77 9.99 32.07
N SER C 195 -43.72 8.98 32.93
CA SER C 195 -43.94 9.14 34.36
C SER C 195 -42.71 8.65 35.11
N LEU C 196 -42.34 9.39 36.15
CA LEU C 196 -41.12 9.14 36.91
C LEU C 196 -41.43 9.23 38.40
N SER C 197 -40.62 8.55 39.20
CA SER C 197 -40.81 8.55 40.64
C SER C 197 -39.46 8.69 41.33
N SER C 198 -39.41 9.49 42.39
CA SER C 198 -38.19 9.67 43.17
C SER C 198 -38.51 9.38 44.63
N VAL C 199 -37.65 8.58 45.28
CA VAL C 199 -37.89 8.12 46.63
C VAL C 199 -36.63 8.31 47.46
N VAL C 200 -36.83 8.41 48.78
CA VAL C 200 -35.74 8.57 49.74
C VAL C 200 -36.18 7.94 51.04
N THR C 201 -35.20 7.60 51.88
CA THR C 201 -35.46 6.95 53.16
C THR C 201 -34.73 7.66 54.28
N VAL C 202 -35.41 7.81 55.42
CA VAL C 202 -34.82 8.44 56.60
C VAL C 202 -35.36 7.74 57.85
N PRO C 203 -34.61 7.81 58.94
CA PRO C 203 -35.07 7.17 60.18
C PRO C 203 -36.29 7.87 60.77
N SER C 204 -37.04 7.12 61.56
CA SER C 204 -38.22 7.68 62.21
C SER C 204 -37.88 8.85 63.12
N SER C 205 -36.65 8.93 63.62
CA SER C 205 -36.25 10.05 64.44
C SER C 205 -36.29 11.35 63.65
N SER C 206 -35.87 11.31 62.40
CA SER C 206 -35.84 12.52 61.58
C SER C 206 -37.23 13.10 61.38
N LEU C 207 -38.22 12.24 61.16
CA LEU C 207 -39.59 12.72 60.93
C LEU C 207 -40.09 13.47 62.15
N GLY C 208 -40.86 14.54 61.89
CA GLY C 208 -41.40 15.38 62.93
C GLY C 208 -40.59 16.63 63.19
N THR C 209 -39.34 16.66 62.78
CA THR C 209 -38.49 17.84 62.91
C THR C 209 -37.80 18.23 61.61
N GLN C 210 -37.41 17.25 60.80
CA GLN C 210 -36.73 17.54 59.55
C GLN C 210 -37.73 17.96 58.47
N THR C 211 -37.25 18.79 57.54
CA THR C 211 -38.06 19.31 56.45
C THR C 211 -37.50 18.82 55.13
N TYR C 212 -38.35 18.25 54.29
CA TYR C 212 -37.97 17.72 52.99
C TYR C 212 -38.79 18.41 51.91
N ILE C 213 -38.12 18.81 50.83
CA ILE C 213 -38.77 19.42 49.67
C ILE C 213 -38.19 18.78 48.41
N CYS C 214 -39.07 18.37 47.51
CA CYS C 214 -38.67 17.73 46.25
C CYS C 214 -38.68 18.78 45.16
N ASN C 215 -37.50 19.09 44.62
CA ASN C 215 -37.32 20.14 43.62
C ASN C 215 -37.08 19.50 42.27
N VAL C 216 -37.91 19.84 41.29
CA VAL C 216 -37.86 19.25 39.96
C VAL C 216 -37.60 20.34 38.95
N ASN C 217 -36.59 20.14 38.10
CA ASN C 217 -36.19 21.07 37.07
C ASN C 217 -36.43 20.44 35.70
N HIS C 218 -36.95 21.25 34.78
CA HIS C 218 -37.28 20.82 33.42
C HIS C 218 -36.59 21.76 32.45
N LYS C 219 -35.78 21.19 31.55
CA LYS C 219 -34.96 22.02 30.66
C LYS C 219 -35.79 22.59 29.52
N PRO C 220 -36.51 21.78 28.75
CA PRO C 220 -37.17 22.31 27.54
C PRO C 220 -38.04 23.53 27.82
N SER C 221 -38.84 23.50 28.88
CA SER C 221 -39.64 24.64 29.30
C SER C 221 -39.19 25.02 30.71
N ASN C 222 -38.92 26.31 30.91
CA ASN C 222 -38.46 26.76 32.22
C ASN C 222 -39.57 26.53 33.23
N THR C 223 -39.40 25.53 34.10
CA THR C 223 -40.45 25.14 35.04
C THR C 223 -39.81 24.59 36.29
N LYS C 224 -40.34 25.01 37.45
CA LYS C 224 -39.93 24.48 38.74
C LYS C 224 -41.16 24.30 39.60
N VAL C 225 -41.12 23.32 40.50
CA VAL C 225 -42.25 22.99 41.35
C VAL C 225 -41.90 23.13 42.83
N ASP C 226 -40.78 22.57 43.25
CA ASP C 226 -40.34 22.62 44.65
C ASP C 226 -41.49 22.29 45.59
N LYS C 227 -41.99 21.07 45.46
CA LYS C 227 -43.15 20.63 46.23
C LYS C 227 -42.69 20.10 47.59
N LYS C 228 -43.26 20.64 48.66
CA LYS C 228 -42.89 20.23 50.00
C LYS C 228 -43.54 18.90 50.35
N VAL C 229 -42.89 18.17 51.26
CA VAL C 229 -43.37 16.87 51.72
C VAL C 229 -43.57 16.95 53.23
N GLU C 230 -44.76 16.57 53.68
CA GLU C 230 -45.12 16.57 55.09
C GLU C 230 -45.90 15.30 55.39
N PRO C 231 -45.83 14.79 56.62
CA PRO C 231 -46.59 13.57 56.93
C PRO C 231 -48.02 13.86 57.35
N LYS C 232 -48.98 13.20 56.72
CA LYS C 232 -50.38 13.38 57.06
C LYS C 232 -51.25 12.40 56.29
N MET D 5 -28.80 -18.98 16.97
CA MET D 5 -28.15 -17.82 17.59
C MET D 5 -28.76 -17.51 18.94
N THR D 6 -28.33 -18.26 19.96
CA THR D 6 -28.80 -18.06 21.32
C THR D 6 -27.62 -18.16 22.27
N GLN D 7 -27.50 -17.18 23.16
CA GLN D 7 -26.46 -17.20 24.20
C GLN D 7 -27.06 -17.86 25.44
N SER D 8 -26.55 -19.04 25.79
CA SER D 8 -27.21 -19.85 26.80
C SER D 8 -27.34 -19.12 28.14
N PRO D 9 -26.30 -18.50 28.70
CA PRO D 9 -26.46 -17.78 29.97
C PRO D 9 -27.01 -16.39 29.73
N SER D 10 -28.25 -16.16 30.18
CA SER D 10 -28.86 -14.84 30.00
C SER D 10 -28.22 -13.80 30.91
N SER D 11 -27.81 -14.21 32.12
CA SER D 11 -27.09 -13.33 33.02
C SER D 11 -26.14 -14.18 33.86
N LEU D 12 -25.12 -13.53 34.40
CA LEU D 12 -24.07 -14.24 35.12
C LEU D 12 -23.69 -13.45 36.37
N SER D 13 -23.16 -14.17 37.35
CA SER D 13 -22.65 -13.59 38.58
C SER D 13 -21.26 -14.13 38.83
N ALA D 14 -20.37 -13.27 39.29
CA ALA D 14 -18.98 -13.65 39.54
C ALA D 14 -18.35 -12.62 40.46
N SER D 15 -17.04 -12.69 40.61
CA SER D 15 -16.29 -11.77 41.46
C SER D 15 -14.91 -11.60 40.85
N VAL D 16 -13.98 -11.06 41.62
CA VAL D 16 -12.63 -10.82 41.13
C VAL D 16 -11.84 -12.12 41.14
N GLY D 17 -10.97 -12.29 40.16
CA GLY D 17 -10.11 -13.45 40.10
C GLY D 17 -10.86 -14.76 39.91
N ASP D 18 -11.81 -14.78 38.98
CA ASP D 18 -12.57 -15.99 38.66
C ASP D 18 -12.43 -16.29 37.17
N ARG D 19 -12.84 -17.50 36.80
CA ARG D 19 -12.86 -17.95 35.41
C ARG D 19 -14.31 -18.00 34.95
N VAL D 20 -14.61 -17.34 33.83
CA VAL D 20 -15.97 -17.28 33.31
C VAL D 20 -15.98 -17.66 31.85
N THR D 21 -16.89 -18.57 31.48
CA THR D 21 -17.06 -19.01 30.10
C THR D 21 -18.46 -18.66 29.63
N ILE D 22 -18.55 -18.03 28.46
CA ILE D 22 -19.80 -17.58 27.87
C ILE D 22 -19.98 -18.33 26.55
N THR D 23 -21.13 -18.97 26.39
CA THR D 23 -21.41 -19.82 25.26
C THR D 23 -22.27 -19.09 24.23
N CYS D 24 -22.10 -19.48 22.96
CA CYS D 24 -22.93 -18.97 21.87
C CYS D 24 -23.28 -20.15 20.97
N ARG D 25 -24.55 -20.52 20.96
CA ARG D 25 -24.98 -21.69 20.20
C ARG D 25 -24.82 -21.47 18.69
N ALA D 26 -25.34 -20.35 18.19
CA ALA D 26 -25.32 -20.09 16.75
C ALA D 26 -25.93 -21.26 15.98
N SER D 27 -27.01 -21.81 16.51
CA SER D 27 -27.65 -22.99 15.94
C SER D 27 -28.54 -22.60 14.76
N GLN D 28 -27.90 -22.04 13.73
CA GLN D 28 -28.59 -21.64 12.51
C GLN D 28 -28.39 -22.63 11.37
N SER D 29 -27.83 -23.80 11.66
CA SER D 29 -27.53 -24.83 10.67
C SER D 29 -26.48 -24.39 9.66
N VAL D 30 -25.79 -23.28 9.92
CA VAL D 30 -24.75 -22.76 9.04
C VAL D 30 -23.51 -22.52 9.86
N SER D 31 -22.35 -22.77 9.25
CA SER D 31 -21.07 -22.64 9.92
C SER D 31 -20.39 -21.35 9.46
N SER D 32 -20.02 -20.51 10.42
CA SER D 32 -19.28 -19.29 10.14
C SER D 32 -18.62 -18.82 11.43
N ALA D 33 -17.46 -18.20 11.29
CA ALA D 33 -16.75 -17.73 12.47
C ALA D 33 -17.57 -16.65 13.16
N VAL D 34 -17.19 -16.35 14.40
CA VAL D 34 -17.94 -15.46 15.27
C VAL D 34 -17.01 -14.41 15.84
N ALA D 35 -17.49 -13.18 15.96
CA ALA D 35 -16.76 -12.08 16.56
C ALA D 35 -17.46 -11.64 17.83
N TRP D 36 -16.67 -11.33 18.85
CA TRP D 36 -17.19 -11.03 20.18
C TRP D 36 -17.04 -9.55 20.49
N TYR D 37 -18.14 -8.90 20.85
CA TYR D 37 -18.17 -7.49 21.18
C TYR D 37 -18.52 -7.30 22.66
N GLN D 38 -17.90 -6.28 23.26
CA GLN D 38 -18.20 -5.89 24.63
C GLN D 38 -18.83 -4.51 24.62
N GLN D 39 -19.99 -4.38 25.27
CA GLN D 39 -20.70 -3.12 25.35
C GLN D 39 -20.96 -2.77 26.81
N LYS D 40 -20.66 -1.54 27.17
CA LYS D 40 -21.02 -0.97 28.47
C LYS D 40 -22.18 0.00 28.30
N PRO D 41 -23.01 0.20 29.33
CA PRO D 41 -24.18 1.06 29.17
C PRO D 41 -23.79 2.47 28.78
N GLY D 42 -24.58 3.06 27.87
CA GLY D 42 -24.33 4.41 27.43
C GLY D 42 -23.05 4.59 26.63
N LYS D 43 -22.60 3.54 25.95
CA LYS D 43 -21.38 3.61 25.15
C LYS D 43 -21.56 2.72 23.92
N ALA D 44 -20.54 2.72 23.05
CA ALA D 44 -20.57 1.95 21.82
C ALA D 44 -19.76 0.66 21.96
N PRO D 45 -20.21 -0.42 21.34
CA PRO D 45 -19.50 -1.69 21.52
C PRO D 45 -18.09 -1.66 20.97
N LYS D 46 -17.23 -2.47 21.57
CA LYS D 46 -15.84 -2.62 21.16
C LYS D 46 -15.62 -4.03 20.66
N LEU D 47 -14.83 -4.18 19.60
CA LEU D 47 -14.46 -5.49 19.10
C LEU D 47 -13.37 -6.09 19.98
N LEU D 48 -13.49 -7.39 20.25
CA LEU D 48 -12.53 -8.11 21.09
C LEU D 48 -11.81 -9.21 20.33
N ILE D 49 -12.55 -10.09 19.67
CA ILE D 49 -11.99 -11.27 19.02
C ILE D 49 -12.77 -11.46 17.73
N TYR D 50 -12.10 -11.32 16.59
CA TYR D 50 -12.81 -11.35 15.32
C TYR D 50 -12.93 -12.77 14.76
N SER D 51 -11.80 -13.41 14.49
CA SER D 51 -11.83 -14.81 14.08
C SER D 51 -11.59 -15.65 15.32
N ALA D 52 -12.42 -16.67 15.51
CA ALA D 52 -12.33 -17.49 16.72
C ALA D 52 -10.88 -17.78 17.06
N SER D 53 -10.45 -17.29 18.22
CA SER D 53 -9.05 -17.38 18.64
C SER D 53 -8.15 -16.47 17.81
N SER D 54 -8.49 -15.19 17.77
CA SER D 54 -7.64 -14.19 17.13
C SER D 54 -7.94 -12.85 17.80
N LEU D 55 -7.08 -12.45 18.74
CA LEU D 55 -7.35 -11.27 19.54
C LEU D 55 -7.15 -10.00 18.73
N TYR D 56 -8.15 -9.14 18.75
CA TYR D 56 -8.03 -7.82 18.13
C TYR D 56 -6.96 -7.01 18.84
N SER D 57 -6.33 -6.11 18.09
CA SER D 57 -5.21 -5.35 18.61
C SER D 57 -5.60 -4.56 19.85
N GLY D 58 -4.71 -4.56 20.84
CA GLY D 58 -4.93 -3.76 22.04
C GLY D 58 -6.05 -4.22 22.95
N VAL D 59 -6.19 -5.54 23.14
CA VAL D 59 -7.11 -6.10 24.12
C VAL D 59 -6.30 -6.97 25.06
N PRO D 60 -6.49 -6.86 26.39
CA PRO D 60 -5.67 -7.66 27.29
C PRO D 60 -5.83 -9.15 27.03
N SER D 61 -4.74 -9.88 27.25
CA SER D 61 -4.68 -11.30 26.90
C SER D 61 -5.56 -12.17 27.78
N ARG D 62 -6.12 -11.64 28.87
CA ARG D 62 -6.96 -12.47 29.73
C ARG D 62 -8.19 -13.00 29.01
N PHE D 63 -8.55 -12.40 27.88
CA PHE D 63 -9.64 -12.91 27.06
C PHE D 63 -9.14 -14.00 26.12
N SER D 64 -10.03 -14.94 25.80
CA SER D 64 -9.68 -16.01 24.88
C SER D 64 -10.94 -16.49 24.17
N GLY D 65 -10.74 -17.13 23.02
CA GLY D 65 -11.82 -17.69 22.24
C GLY D 65 -11.68 -19.20 22.14
N SER D 66 -12.63 -19.80 21.41
CA SER D 66 -12.61 -21.23 21.16
C SER D 66 -13.75 -21.57 20.20
N ARG D 67 -13.82 -22.84 19.81
CA ARG D 67 -14.89 -23.28 18.93
C ARG D 67 -15.12 -24.77 19.18
N SER D 68 -16.11 -25.07 20.03
CA SER D 68 -16.50 -26.45 20.28
C SER D 68 -17.38 -26.96 19.15
N GLY D 69 -17.70 -28.24 19.19
CA GLY D 69 -18.60 -28.80 18.20
C GLY D 69 -19.96 -28.13 18.25
N THR D 70 -20.34 -27.47 17.15
CA THR D 70 -21.64 -26.80 17.07
C THR D 70 -21.82 -25.83 18.24
N ASP D 71 -20.77 -25.09 18.56
CA ASP D 71 -20.82 -24.17 19.68
C ASP D 71 -19.62 -23.24 19.60
N PHE D 72 -19.76 -22.04 20.17
CA PHE D 72 -18.66 -21.11 20.32
C PHE D 72 -18.55 -20.68 21.77
N THR D 73 -17.36 -20.26 22.16
CA THR D 73 -17.09 -19.97 23.56
C THR D 73 -16.18 -18.76 23.66
N LEU D 74 -16.36 -18.00 24.74
CA LEU D 74 -15.44 -16.92 25.10
C LEU D 74 -15.09 -17.10 26.56
N THR D 75 -13.80 -17.03 26.88
CA THR D 75 -13.32 -17.29 28.22
C THR D 75 -12.57 -16.08 28.77
N ILE D 76 -12.79 -15.80 30.05
CA ILE D 76 -12.02 -14.81 30.78
C ILE D 76 -11.38 -15.54 31.96
N SER D 77 -10.04 -15.52 32.02
CA SER D 77 -9.32 -16.25 33.04
C SER D 77 -9.44 -15.58 34.40
N SER D 78 -9.26 -14.25 34.43
CA SER D 78 -9.34 -13.48 35.66
C SER D 78 -10.25 -12.28 35.42
N LEU D 79 -11.23 -12.08 36.30
CA LEU D 79 -12.19 -11.00 36.16
C LEU D 79 -11.70 -9.78 36.92
N GLN D 80 -11.34 -8.75 36.20
CA GLN D 80 -11.03 -7.45 36.80
C GLN D 80 -12.33 -6.66 36.95
N PRO D 81 -12.34 -5.62 37.78
CA PRO D 81 -13.55 -4.79 37.89
C PRO D 81 -13.98 -4.14 36.58
N GLU D 82 -13.18 -4.24 35.52
CA GLU D 82 -13.49 -3.62 34.24
C GLU D 82 -14.24 -4.55 33.29
N ASP D 83 -14.49 -5.79 33.69
CA ASP D 83 -15.10 -6.77 32.80
C ASP D 83 -16.62 -6.87 32.95
N PHE D 84 -17.22 -6.09 33.84
CA PHE D 84 -18.67 -6.14 34.06
C PHE D 84 -19.35 -5.31 32.98
N ALA D 85 -19.93 -5.99 32.00
CA ALA D 85 -20.59 -5.38 30.86
C ALA D 85 -21.38 -6.47 30.15
N THR D 86 -21.89 -6.16 28.96
CA THR D 86 -22.62 -7.15 28.17
C THR D 86 -21.76 -7.58 26.99
N TYR D 87 -21.98 -8.82 26.54
CA TYR D 87 -21.14 -9.43 25.51
C TYR D 87 -22.02 -10.04 24.42
N TYR D 88 -21.75 -9.66 23.17
CA TYR D 88 -22.54 -10.08 22.02
C TYR D 88 -21.70 -10.89 21.05
N CYS D 89 -22.33 -11.85 20.38
CA CYS D 89 -21.70 -12.61 19.30
C CYS D 89 -22.00 -11.93 17.96
N GLN D 90 -21.71 -12.61 16.86
CA GLN D 90 -22.02 -12.14 15.53
C GLN D 90 -21.78 -13.27 14.55
N GLN D 91 -22.58 -13.32 13.50
CA GLN D 91 -22.46 -14.36 12.48
C GLN D 91 -23.06 -13.86 11.18
N SER D 92 -22.22 -13.57 10.19
CA SER D 92 -22.65 -12.98 8.94
C SER D 92 -22.99 -14.07 7.93
N SER D 93 -24.13 -14.71 8.15
CA SER D 93 -24.62 -15.74 7.24
C SER D 93 -25.24 -15.12 6.01
N SER D 94 -24.99 -15.74 4.86
CA SER D 94 -25.52 -15.27 3.57
C SER D 94 -25.09 -13.83 3.39
N SER D 95 -26.02 -12.87 3.28
CA SER D 95 -25.68 -11.45 3.16
C SER D 95 -26.29 -10.65 4.31
N LEU D 96 -26.45 -11.28 5.47
CA LEU D 96 -27.04 -10.64 6.64
C LEU D 96 -26.11 -10.78 7.83
N ILE D 97 -26.10 -9.76 8.69
CA ILE D 97 -25.32 -9.75 9.92
C ILE D 97 -26.30 -9.83 11.07
N THR D 98 -26.13 -10.84 11.93
CA THR D 98 -27.02 -11.10 13.05
C THR D 98 -26.21 -11.09 14.34
N PHE D 99 -26.76 -10.45 15.37
CA PHE D 99 -26.14 -10.35 16.68
C PHE D 99 -26.77 -11.36 17.64
N GLY D 100 -26.32 -11.29 18.90
CA GLY D 100 -26.81 -12.16 19.94
C GLY D 100 -27.64 -11.42 20.98
N GLN D 101 -28.10 -12.19 21.96
CA GLN D 101 -28.99 -11.64 22.99
C GLN D 101 -28.23 -10.81 24.01
N GLY D 102 -27.03 -11.22 24.38
CA GLY D 102 -26.27 -10.54 25.39
C GLY D 102 -26.42 -11.21 26.75
N THR D 103 -25.35 -11.16 27.54
CA THR D 103 -25.31 -11.79 28.85
C THR D 103 -24.73 -10.79 29.86
N LYS D 104 -25.60 -10.07 30.55
CA LYS D 104 -25.13 -9.15 31.58
C LYS D 104 -24.31 -9.91 32.60
N VAL D 105 -23.17 -9.34 32.97
CA VAL D 105 -22.29 -9.92 33.98
C VAL D 105 -22.46 -9.10 35.26
N GLU D 106 -23.01 -9.71 36.29
CA GLU D 106 -23.31 -9.04 37.54
C GLU D 106 -22.25 -9.40 38.58
N ILE D 107 -22.48 -9.00 39.82
CA ILE D 107 -21.59 -9.33 40.93
C ILE D 107 -22.34 -10.30 41.85
N LYS D 108 -21.56 -11.17 42.50
CA LYS D 108 -22.11 -12.10 43.47
C LYS D 108 -22.01 -11.51 44.87
N ARG D 109 -23.06 -11.71 45.66
CA ARG D 109 -23.13 -11.13 46.99
C ARG D 109 -24.08 -11.96 47.84
N THR D 110 -24.02 -11.74 49.15
CA THR D 110 -24.90 -12.44 50.08
C THR D 110 -26.35 -12.03 49.86
N VAL D 111 -27.26 -12.98 50.04
CA VAL D 111 -28.67 -12.74 49.76
C VAL D 111 -29.26 -11.80 50.82
N ALA D 112 -30.22 -10.99 50.40
CA ALA D 112 -30.93 -10.08 51.28
C ALA D 112 -32.40 -10.04 50.89
N ALA D 113 -33.26 -9.83 51.87
CA ALA D 113 -34.69 -9.80 51.60
C ALA D 113 -35.15 -8.37 51.35
N PRO D 114 -36.15 -8.17 50.48
CA PRO D 114 -36.61 -6.81 50.18
C PRO D 114 -37.36 -6.20 51.36
N SER D 115 -37.36 -4.87 51.39
CA SER D 115 -38.21 -4.11 52.30
C SER D 115 -39.39 -3.57 51.50
N VAL D 116 -40.61 -3.85 51.95
CA VAL D 116 -41.82 -3.52 51.23
C VAL D 116 -42.52 -2.35 51.90
N PHE D 117 -43.06 -1.45 51.08
CA PHE D 117 -43.82 -0.30 51.57
C PHE D 117 -44.91 0.01 50.55
N ILE D 118 -45.94 0.73 51.01
CA ILE D 118 -47.08 1.06 50.16
C ILE D 118 -47.47 2.51 50.43
N PHE D 119 -47.81 3.24 49.37
CA PHE D 119 -48.26 4.62 49.50
C PHE D 119 -49.69 4.77 48.97
N PRO D 120 -50.60 5.39 49.72
CA PRO D 120 -51.92 5.68 49.18
C PRO D 120 -51.97 7.06 48.56
N PRO D 121 -52.97 7.35 47.73
CA PRO D 121 -53.04 8.68 47.10
C PRO D 121 -53.13 9.77 48.14
N SER D 122 -52.44 10.87 47.88
CA SER D 122 -52.38 11.99 48.81
C SER D 122 -53.69 12.76 48.80
N ASP D 123 -53.79 13.78 49.66
CA ASP D 123 -54.97 14.64 49.73
C ASP D 123 -54.95 15.64 48.56
N SER D 124 -54.92 15.07 47.36
CA SER D 124 -54.86 15.81 46.11
C SER D 124 -54.89 14.75 45.01
N GLN D 125 -54.97 15.20 43.76
CA GLN D 125 -55.02 14.38 42.58
C GLN D 125 -56.40 13.75 42.39
N LEU D 126 -57.31 13.87 43.36
CA LEU D 126 -58.68 13.41 43.16
C LEU D 126 -59.50 14.47 42.45
N LYS D 127 -59.15 15.75 42.62
CA LYS D 127 -59.75 16.80 41.82
C LYS D 127 -59.41 16.61 40.35
N SER D 128 -58.20 16.13 40.06
CA SER D 128 -57.84 15.79 38.69
C SER D 128 -58.70 14.65 38.16
N GLY D 129 -58.95 13.64 38.97
CA GLY D 129 -59.80 12.53 38.60
C GLY D 129 -59.09 11.21 38.37
N THR D 130 -57.81 11.10 38.69
CA THR D 130 -57.06 9.85 38.52
C THR D 130 -56.35 9.52 39.82
N ALA D 131 -56.35 8.23 40.17
CA ALA D 131 -55.68 7.74 41.37
C ALA D 131 -54.53 6.84 40.96
N SER D 132 -53.43 6.91 41.70
CA SER D 132 -52.26 6.09 41.44
C SER D 132 -51.65 5.66 42.76
N VAL D 133 -51.55 4.36 42.97
CA VAL D 133 -50.95 3.79 44.17
C VAL D 133 -49.62 3.16 43.78
N VAL D 134 -48.70 3.10 44.73
CA VAL D 134 -47.36 2.59 44.48
C VAL D 134 -46.95 1.66 45.60
N CYS D 135 -46.30 0.56 45.21
CA CYS D 135 -45.68 -0.40 46.11
C CYS D 135 -44.18 -0.38 45.85
N LEU D 136 -43.40 -0.21 46.92
CA LEU D 136 -41.96 -0.02 46.84
C LEU D 136 -41.25 -1.21 47.47
N LEU D 137 -40.27 -1.77 46.75
CA LEU D 137 -39.38 -2.79 47.27
C LEU D 137 -37.97 -2.24 47.25
N ASN D 138 -37.26 -2.35 48.36
CA ASN D 138 -35.97 -1.70 48.53
C ASN D 138 -34.92 -2.69 49.03
N ASN D 139 -33.68 -2.55 48.53
CA ASN D 139 -32.50 -3.20 49.10
C ASN D 139 -32.65 -4.71 49.13
N PHE D 140 -32.72 -5.29 47.93
CA PHE D 140 -32.69 -6.74 47.77
C PHE D 140 -31.73 -7.08 46.65
N TYR D 141 -30.72 -7.91 46.96
CA TYR D 141 -29.72 -8.23 45.93
C TYR D 141 -30.30 -9.12 44.85
N PRO D 142 -30.75 -10.35 45.13
CA PRO D 142 -31.22 -11.21 44.05
C PRO D 142 -32.36 -10.56 43.29
N ARG D 143 -32.36 -10.74 41.97
CA ARG D 143 -33.22 -9.98 41.08
C ARG D 143 -34.62 -10.56 40.95
N GLU D 144 -34.88 -11.73 41.52
CA GLU D 144 -36.13 -12.46 41.25
C GLU D 144 -37.19 -12.14 42.31
N ALA D 145 -37.61 -10.88 42.33
CA ALA D 145 -38.68 -10.41 43.22
C ALA D 145 -39.95 -10.23 42.42
N LYS D 146 -41.02 -10.91 42.81
CA LYS D 146 -42.30 -10.81 42.15
C LYS D 146 -43.30 -10.05 43.02
N VAL D 147 -44.22 -9.36 42.37
CA VAL D 147 -45.19 -8.50 43.05
C VAL D 147 -46.57 -8.72 42.44
N GLN D 148 -47.59 -8.76 43.28
CA GLN D 148 -48.97 -8.92 42.84
C GLN D 148 -49.86 -7.97 43.64
N TRP D 149 -50.74 -7.26 42.93
CA TRP D 149 -51.70 -6.38 43.56
C TRP D 149 -53.00 -7.12 43.85
N LYS D 150 -53.54 -6.90 45.04
CA LYS D 150 -54.78 -7.54 45.48
C LYS D 150 -55.75 -6.45 45.93
N VAL D 151 -56.92 -6.41 45.30
CA VAL D 151 -57.94 -5.42 45.62
C VAL D 151 -59.21 -6.17 46.00
N ASP D 152 -59.63 -6.02 47.26
CA ASP D 152 -60.80 -6.73 47.77
C ASP D 152 -60.68 -8.22 47.49
N ASN D 153 -59.48 -8.77 47.67
CA ASN D 153 -59.20 -10.18 47.41
C ASN D 153 -59.42 -10.52 45.94
N ALA D 154 -59.14 -9.56 45.06
CA ALA D 154 -59.21 -9.76 43.61
C ALA D 154 -57.90 -9.34 42.98
N LEU D 155 -57.42 -10.14 42.04
CA LEU D 155 -56.15 -9.88 41.37
C LEU D 155 -56.38 -8.97 40.18
N GLN D 156 -55.68 -7.84 40.15
CA GLN D 156 -55.77 -6.87 39.07
C GLN D 156 -54.56 -7.03 38.15
N SER D 157 -54.82 -7.24 36.87
CA SER D 157 -53.78 -7.51 35.90
C SER D 157 -53.93 -6.61 34.69
N GLY D 158 -52.82 -6.28 34.06
CA GLY D 158 -52.81 -5.47 32.86
C GLY D 158 -52.88 -3.98 33.10
N ASN D 159 -52.70 -3.51 34.33
CA ASN D 159 -52.78 -2.09 34.63
C ASN D 159 -51.69 -1.66 35.60
N SER D 160 -50.52 -2.30 35.54
CA SER D 160 -49.42 -2.03 36.46
C SER D 160 -48.15 -1.76 35.67
N GLN D 161 -47.38 -0.79 36.12
CA GLN D 161 -46.10 -0.45 35.52
C GLN D 161 -44.99 -0.65 36.55
N GLU D 162 -43.95 -1.38 36.16
CA GLU D 162 -42.86 -1.75 37.06
C GLU D 162 -41.57 -1.10 36.59
N SER D 163 -40.86 -0.45 37.51
CA SER D 163 -39.59 0.19 37.22
C SER D 163 -38.54 -0.30 38.21
N VAL D 164 -37.41 -0.77 37.69
CA VAL D 164 -36.34 -1.34 38.50
C VAL D 164 -35.05 -0.59 38.21
N THR D 165 -34.40 -0.11 39.26
CA THR D 165 -33.13 0.58 39.10
C THR D 165 -32.01 -0.41 38.80
N GLU D 166 -30.93 0.11 38.23
CA GLU D 166 -29.76 -0.72 37.96
C GLU D 166 -29.04 -1.05 39.27
N GLN D 167 -28.24 -2.12 39.23
CA GLN D 167 -27.54 -2.57 40.42
C GLN D 167 -26.72 -1.44 41.02
N ASP D 168 -26.81 -1.29 42.34
CA ASP D 168 -26.18 -0.18 43.02
C ASP D 168 -24.66 -0.26 42.86
N SER D 169 -23.99 0.84 43.22
CA SER D 169 -22.54 0.92 43.16
C SER D 169 -21.88 0.69 44.50
N LYS D 170 -22.58 0.97 45.61
CA LYS D 170 -22.00 0.81 46.94
C LYS D 170 -22.18 -0.61 47.47
N ASP D 171 -23.41 -1.12 47.44
CA ASP D 171 -23.73 -2.41 48.03
C ASP D 171 -24.19 -3.44 47.01
N SER D 172 -24.44 -3.05 45.76
CA SER D 172 -24.88 -3.97 44.72
C SER D 172 -26.26 -4.55 45.03
N THR D 173 -27.22 -3.66 45.26
CA THR D 173 -28.60 -4.00 45.58
C THR D 173 -29.52 -3.45 44.49
N TYR D 174 -30.83 -3.57 44.71
CA TYR D 174 -31.82 -3.15 43.74
C TYR D 174 -32.94 -2.39 44.44
N SER D 175 -33.85 -1.85 43.63
CA SER D 175 -35.04 -1.16 44.15
C SER D 175 -36.08 -1.17 43.06
N LEU D 176 -37.22 -1.80 43.31
CA LEU D 176 -38.25 -2.03 42.31
C LEU D 176 -39.57 -1.42 42.78
N SER D 177 -40.16 -0.58 41.95
CA SER D 177 -41.39 0.11 42.30
C SER D 177 -42.47 -0.24 41.29
N SER D 178 -43.63 -0.65 41.78
CA SER D 178 -44.77 -1.01 40.95
C SER D 178 -45.90 -0.04 41.19
N THR D 179 -46.43 0.55 40.12
CA THR D 179 -47.47 1.56 40.20
C THR D 179 -48.73 1.05 39.52
N LEU D 180 -49.86 1.22 40.19
CA LEU D 180 -51.17 0.87 39.66
C LEU D 180 -52.00 2.14 39.53
N THR D 181 -52.63 2.30 38.37
CA THR D 181 -53.41 3.49 38.06
C THR D 181 -54.88 3.13 37.89
N LEU D 182 -55.75 4.06 38.29
CA LEU D 182 -57.19 3.86 38.23
C LEU D 182 -57.86 5.21 38.00
N SER D 183 -59.11 5.14 37.53
CA SER D 183 -59.92 6.33 37.41
C SER D 183 -60.53 6.70 38.76
N LYS D 184 -60.93 7.97 38.89
CA LYS D 184 -61.54 8.42 40.14
C LYS D 184 -62.81 7.65 40.45
N ALA D 185 -63.65 7.42 39.43
CA ALA D 185 -64.92 6.74 39.67
C ALA D 185 -64.68 5.34 40.24
N ASP D 186 -63.76 4.58 39.64
CA ASP D 186 -63.47 3.23 40.10
C ASP D 186 -62.64 3.21 41.38
N TYR D 187 -61.98 4.32 41.71
CA TYR D 187 -61.13 4.34 42.89
C TYR D 187 -61.94 4.11 44.17
N GLU D 188 -63.13 4.69 44.24
CA GLU D 188 -63.94 4.66 45.46
C GLU D 188 -65.00 3.55 45.45
N LYS D 189 -64.93 2.62 44.49
CA LYS D 189 -65.85 1.50 44.44
C LYS D 189 -65.33 0.29 45.20
N HIS D 190 -64.19 0.38 45.86
CA HIS D 190 -63.62 -0.71 46.64
C HIS D 190 -63.10 -0.16 47.95
N LYS D 191 -62.76 -1.07 48.86
CA LYS D 191 -62.45 -0.73 50.24
C LYS D 191 -60.98 -0.92 50.60
N VAL D 192 -60.44 -2.11 50.36
CA VAL D 192 -59.09 -2.46 50.78
C VAL D 192 -58.24 -2.77 49.57
N TYR D 193 -57.01 -2.25 49.56
CA TYR D 193 -56.04 -2.52 48.52
C TYR D 193 -54.76 -3.01 49.16
N ALA D 194 -53.96 -3.77 48.43
CA ALA D 194 -52.74 -4.29 49.00
C ALA D 194 -51.80 -4.75 47.89
N CYS D 195 -50.52 -4.87 48.24
CA CYS D 195 -49.53 -5.48 47.38
C CYS D 195 -48.79 -6.56 48.16
N GLU D 196 -48.54 -7.69 47.50
CA GLU D 196 -47.82 -8.81 48.10
C GLU D 196 -46.60 -9.14 47.25
N VAL D 197 -45.49 -9.42 47.94
CA VAL D 197 -44.22 -9.71 47.29
C VAL D 197 -43.81 -11.14 47.62
N THR D 198 -43.25 -11.81 46.62
CA THR D 198 -42.69 -13.15 46.75
C THR D 198 -41.25 -13.13 46.27
N HIS D 199 -40.35 -13.69 47.08
CA HIS D 199 -38.93 -13.67 46.76
C HIS D 199 -38.29 -14.98 47.23
N GLN D 200 -37.15 -15.30 46.62
CA GLN D 200 -36.45 -16.53 46.96
C GLN D 200 -35.85 -16.50 48.36
N GLY D 201 -35.76 -15.32 48.98
CA GLY D 201 -35.24 -15.22 50.33
C GLY D 201 -36.31 -15.04 51.38
N LEU D 202 -37.56 -15.34 51.03
CA LEU D 202 -38.69 -15.16 51.91
C LEU D 202 -39.30 -16.52 52.27
N SER D 203 -39.44 -16.78 53.57
CA SER D 203 -40.08 -18.01 54.00
C SER D 203 -41.53 -18.07 53.54
N SER D 204 -42.25 -16.96 53.66
CA SER D 204 -43.62 -16.84 53.19
C SER D 204 -43.80 -15.49 52.51
N PRO D 205 -44.71 -15.40 51.53
CA PRO D 205 -44.91 -14.12 50.86
C PRO D 205 -45.28 -13.03 51.85
N VAL D 206 -44.75 -11.83 51.62
CA VAL D 206 -45.02 -10.68 52.48
C VAL D 206 -46.12 -9.85 51.81
N THR D 207 -46.82 -9.04 52.61
CA THR D 207 -47.91 -8.25 52.08
C THR D 207 -48.09 -6.99 52.89
N LYS D 208 -48.52 -5.92 52.22
CA LYS D 208 -48.88 -4.67 52.87
C LYS D 208 -50.20 -4.18 52.29
N SER D 209 -51.10 -3.76 53.17
CA SER D 209 -52.47 -3.41 52.80
C SER D 209 -52.87 -2.08 53.44
N PHE D 210 -53.86 -1.45 52.83
CA PHE D 210 -54.44 -0.22 53.37
C PHE D 210 -55.90 -0.12 52.94
N ASN D 211 -56.72 0.42 53.84
CA ASN D 211 -58.13 0.66 53.57
C ASN D 211 -58.31 2.02 52.90
N ARG D 212 -59.35 2.13 52.08
CA ARG D 212 -59.58 3.35 51.33
C ARG D 212 -59.79 4.55 52.26
N GLY D 213 -60.28 4.31 53.48
CA GLY D 213 -60.49 5.38 54.42
C GLY D 213 -59.20 5.81 55.10
N GLU D 214 -59.31 6.88 55.89
CA GLU D 214 -58.18 7.43 56.61
C GLU D 214 -58.17 6.93 58.05
NA NA E . 36.46 -6.76 -21.81
#